data_6I1N
#
_entry.id   6I1N
#
_cell.length_a   197.752
_cell.length_b   134.877
_cell.length_c   48.647
_cell.angle_alpha   90.000
_cell.angle_beta   95.009
_cell.angle_gamma   90.000
#
_symmetry.space_group_name_H-M   'C 1 2 1'
#
loop_
_entity.id
_entity.type
_entity.pdbx_description
1 polymer 'Spermidine synthase'
2 non-polymer 2-(2-{2-[2-(2-METHOXY-ETHOXY)-ETHOXY]-ETHOXY}-ETHOXY)-ETHANOL
3 non-polymer trans-N-(3-aminopropyl)cyclohexane-1,4-diamine
4 non-polymer GLYCEROL
5 water water
#
_entity_poly.entity_id   1
_entity_poly.type   'polypeptide(L)'
_entity_poly.pdbx_seq_one_letter_code
;MDKLISNNKLKLSVVLLGGLCSLAYYHLKNKFHLSQFCFSKKWFSEFSIMWPGQAFSLKIKKILYETKSKYQNVLVFEST
TYGKVLVLDGVIQLTEKDEFAYHEMMTHVPMTVSKEPKNVLVVGGGDGGIIRELCKYKSVENIDICEIDETVIEVSKIYF
KNISCGYEDKRVNVFIEDASKFLENVTNTYDVIIVDSSDPIGPAETLFNQNFYEKIYNALKPNGYCVAQCESLWIHVGTI
KNMIGYAKKLFKKVEYANISIPTYPCGCIGILCCSKTDTGLTKPNKKLESKEFADLKYYNYENHSAAFKLPAFLLKEIEN
I
;
_entity_poly.pdbx_strand_id   A,B,C
#
# COMPACT_ATOMS: atom_id res chain seq x y z
N LYS A 41 -17.90 -5.57 28.54
CA LYS A 41 -16.96 -4.63 27.92
C LYS A 41 -15.75 -4.41 28.83
N LYS A 42 -14.61 -4.05 28.25
CA LYS A 42 -13.40 -3.78 29.03
C LYS A 42 -13.37 -2.31 29.49
N TRP A 43 -12.35 -1.99 30.29
CA TRP A 43 -12.16 -0.70 30.93
C TRP A 43 -10.75 -0.21 30.64
N PHE A 44 -10.64 1.06 30.24
CA PHE A 44 -9.34 1.71 30.22
C PHE A 44 -9.04 2.23 31.62
N SER A 45 -7.79 2.08 32.07
CA SER A 45 -7.40 2.56 33.38
C SER A 45 -6.12 3.39 33.26
N GLU A 46 -6.12 4.55 33.90
CA GLU A 46 -5.05 5.54 33.79
C GLU A 46 -4.17 5.45 35.05
N PHE A 47 -3.04 4.79 34.93
CA PHE A 47 -2.03 4.71 35.98
C PHE A 47 -0.85 5.60 35.63
N SER A 48 -0.11 6.03 36.64
CA SER A 48 1.09 6.82 36.38
C SER A 48 1.87 7.01 37.67
N ILE A 49 3.20 7.01 37.55
CA ILE A 49 4.04 7.36 38.68
C ILE A 49 3.84 8.82 39.10
N MET A 50 3.28 9.64 38.20
CA MET A 50 3.03 11.03 38.53
C MET A 50 1.89 11.20 39.53
N TRP A 51 0.96 10.24 39.60
CA TRP A 51 -0.08 10.22 40.63
C TRP A 51 -0.14 8.81 41.20
N PRO A 52 0.86 8.43 41.99
CA PRO A 52 0.89 7.07 42.54
C PRO A 52 -0.24 6.84 43.53
N GLY A 53 -0.74 5.61 43.53
CA GLY A 53 -1.73 5.24 44.50
C GLY A 53 -3.14 5.54 44.09
N GLN A 54 -3.36 6.11 42.91
CA GLN A 54 -4.70 6.40 42.44
C GLN A 54 -4.79 6.07 40.97
N ALA A 55 -6.02 5.90 40.47
CA ALA A 55 -6.25 5.68 39.06
C ALA A 55 -7.69 6.03 38.73
N PHE A 56 -7.90 6.54 37.52
CA PHE A 56 -9.21 6.79 36.97
C PHE A 56 -9.47 5.83 35.80
N SER A 57 -10.72 5.38 35.63
CA SER A 57 -11.05 4.40 34.59
C SER A 57 -12.33 4.78 33.87
N LEU A 58 -12.37 4.49 32.57
CA LEU A 58 -13.54 4.71 31.74
C LEU A 58 -13.91 3.40 31.08
N LYS A 59 -15.21 3.16 30.93
CA LYS A 59 -15.65 1.96 30.24
C LYS A 59 -15.57 2.17 28.73
N ILE A 60 -15.05 1.15 28.04
CA ILE A 60 -14.82 1.23 26.59
C ILE A 60 -16.04 0.69 25.86
N LYS A 61 -16.68 1.53 25.06
CA LYS A 61 -17.69 1.02 24.14
C LYS A 61 -17.03 0.34 22.93
N LYS A 62 -16.02 1.00 22.34
CA LYS A 62 -15.24 0.35 21.28
C LYS A 62 -13.93 1.09 21.01
N ILE A 63 -12.85 0.32 20.85
CA ILE A 63 -11.57 0.87 20.45
C ILE A 63 -11.64 1.31 18.98
N LEU A 64 -11.16 2.52 18.69
CA LEU A 64 -11.20 3.08 17.33
C LEU A 64 -9.86 3.05 16.62
N TYR A 65 -8.74 3.26 17.31
CA TYR A 65 -7.45 3.36 16.66
C TYR A 65 -6.34 3.23 17.68
N GLU A 66 -5.23 2.62 17.26
CA GLU A 66 -4.08 2.46 18.14
C GLU A 66 -2.82 2.43 17.29
N THR A 67 -1.80 3.18 17.72
CA THR A 67 -0.52 3.10 17.05
C THR A 67 0.58 3.49 18.02
N LYS A 68 1.79 3.12 17.67
CA LYS A 68 2.99 3.67 18.30
C LYS A 68 3.59 4.65 17.30
N SER A 69 3.64 5.94 17.65
CA SER A 69 4.29 6.92 16.80
C SER A 69 5.77 7.00 17.19
N LYS A 70 6.52 7.84 16.47
CA LYS A 70 7.92 8.08 16.82
C LYS A 70 8.09 8.60 18.23
N TYR A 71 7.04 9.17 18.83
CA TYR A 71 7.19 9.82 20.12
C TYR A 71 6.40 9.15 21.25
N GLN A 72 5.28 8.51 20.96
CA GLN A 72 4.39 8.06 22.03
C GLN A 72 3.42 7.04 21.48
N ASN A 73 2.81 6.31 22.40
CA ASN A 73 1.67 5.46 22.09
C ASN A 73 0.39 6.28 21.98
N VAL A 74 -0.44 5.94 21.02
CA VAL A 74 -1.65 6.69 20.71
C VAL A 74 -2.81 5.72 20.75
N LEU A 75 -3.81 6.01 21.59
CA LEU A 75 -5.04 5.23 21.65
C LEU A 75 -6.25 6.14 21.52
N VAL A 76 -7.21 5.74 20.71
CA VAL A 76 -8.49 6.44 20.57
C VAL A 76 -9.59 5.42 20.80
N PHE A 77 -10.53 5.73 21.70
CA PHE A 77 -11.65 4.82 21.90
C PHE A 77 -12.91 5.60 22.17
N GLU A 78 -14.04 5.00 21.81
CA GLU A 78 -15.34 5.50 22.21
C GLU A 78 -15.65 4.95 23.61
N SER A 79 -15.76 5.83 24.60
CA SER A 79 -16.19 5.42 25.92
C SER A 79 -17.72 5.28 25.95
N THR A 80 -18.23 4.61 27.01
CA THR A 80 -19.68 4.52 27.13
C THR A 80 -20.33 5.82 27.58
N THR A 81 -19.66 6.63 28.40
CA THR A 81 -20.38 7.81 28.88
C THR A 81 -19.65 9.14 28.71
N TYR A 82 -18.43 9.16 28.18
CA TYR A 82 -17.70 10.41 27.98
C TYR A 82 -17.42 10.69 26.50
N GLY A 83 -18.15 10.02 25.60
CA GLY A 83 -17.85 10.12 24.17
C GLY A 83 -16.44 9.62 23.84
N LYS A 84 -15.85 10.19 22.78
CA LYS A 84 -14.56 9.71 22.33
C LYS A 84 -13.43 10.23 23.22
N VAL A 85 -12.39 9.41 23.37
CA VAL A 85 -11.29 9.66 24.30
C VAL A 85 -9.97 9.54 23.53
N LEU A 86 -9.07 10.48 23.75
CA LEU A 86 -7.72 10.41 23.21
C LEU A 86 -6.73 10.15 24.34
N VAL A 87 -5.90 9.11 24.15
CA VAL A 87 -4.92 8.70 25.14
C VAL A 87 -3.52 8.70 24.54
N LEU A 88 -2.57 9.29 25.27
CA LEU A 88 -1.17 9.37 24.85
C LEU A 88 -0.30 8.78 25.94
N ASP A 89 0.43 7.71 25.63
CA ASP A 89 1.25 7.01 26.60
C ASP A 89 0.42 6.63 27.83
N GLY A 90 -0.82 6.20 27.59
CA GLY A 90 -1.67 5.73 28.67
C GLY A 90 -2.23 6.81 29.58
N VAL A 91 -2.05 8.08 29.23
CA VAL A 91 -2.57 9.21 29.98
C VAL A 91 -3.65 9.89 29.14
N ILE A 92 -4.80 10.16 29.75
CA ILE A 92 -5.91 10.75 29.01
C ILE A 92 -5.54 12.17 28.61
N GLN A 93 -5.66 12.48 27.32
CA GLN A 93 -5.45 13.83 26.81
C GLN A 93 -6.71 14.64 26.75
N LEU A 94 -7.81 14.01 26.37
CA LEU A 94 -9.08 14.73 26.38
C LEU A 94 -10.18 13.71 26.19
N THR A 95 -11.41 14.16 26.48
CA THR A 95 -12.61 13.44 26.11
C THR A 95 -13.60 14.45 25.54
N GLU A 96 -14.50 13.96 24.70
CA GLU A 96 -15.49 14.87 24.12
C GLU A 96 -16.36 15.52 25.19
N LYS A 97 -16.67 14.80 26.26
CA LYS A 97 -17.69 15.29 27.21
C LYS A 97 -17.23 16.53 27.94
N ASP A 98 -15.94 16.62 28.27
CA ASP A 98 -15.50 17.72 29.12
C ASP A 98 -14.36 18.58 28.56
N GLU A 99 -13.89 18.34 27.32
CA GLU A 99 -12.70 19.07 26.88
C GLU A 99 -12.93 20.58 26.84
N PHE A 100 -14.18 21.01 26.61
CA PHE A 100 -14.47 22.44 26.54
C PHE A 100 -14.02 23.19 27.81
N ALA A 101 -13.98 22.51 28.97
CA ALA A 101 -13.62 23.20 30.21
C ALA A 101 -12.19 23.69 30.15
N TYR A 102 -11.28 22.79 29.81
CA TYR A 102 -9.85 23.10 29.70
C TYR A 102 -9.55 24.01 28.50
N HIS A 103 -10.13 23.72 27.34
CA HIS A 103 -9.81 24.55 26.17
C HIS A 103 -10.40 25.95 26.28
N GLU A 104 -11.62 26.08 26.82
CA GLU A 104 -12.17 27.42 27.01
C GLU A 104 -11.38 28.24 28.02
N MET A 105 -11.03 27.65 29.18
CA MET A 105 -10.34 28.44 30.21
C MET A 105 -8.91 28.78 29.78
N MET A 106 -8.21 27.82 29.18
CA MET A 106 -6.84 28.10 28.75
C MET A 106 -6.77 29.21 27.72
N THR A 107 -7.79 29.30 26.85
CA THR A 107 -7.79 30.27 25.76
C THR A 107 -8.38 31.60 26.18
N HIS A 108 -9.57 31.60 26.80
CA HIS A 108 -10.25 32.88 26.97
C HIS A 108 -9.79 33.67 28.17
N VAL A 109 -9.07 33.04 29.10
CA VAL A 109 -8.43 33.81 30.16
C VAL A 109 -7.43 34.79 29.51
N PRO A 110 -6.41 34.34 28.79
CA PRO A 110 -5.47 35.32 28.21
C PRO A 110 -6.09 36.14 27.11
N MET A 111 -6.96 35.56 26.28
CA MET A 111 -7.46 36.31 25.13
C MET A 111 -8.46 37.40 25.50
N THR A 112 -9.06 37.36 26.71
CA THR A 112 -9.90 38.49 27.11
C THR A 112 -9.11 39.57 27.86
N VAL A 113 -7.87 39.30 28.19
CA VAL A 113 -7.02 40.27 28.86
C VAL A 113 -6.18 41.05 27.85
N SER A 114 -5.49 40.33 26.96
CA SER A 114 -4.85 40.95 25.80
C SER A 114 -5.84 41.81 25.04
N LYS A 115 -5.45 43.07 24.79
CA LYS A 115 -6.41 44.03 24.26
C LYS A 115 -6.83 43.70 22.83
N GLU A 116 -5.88 43.65 21.91
CA GLU A 116 -6.18 43.36 20.51
C GLU A 116 -5.16 42.34 20.02
N PRO A 117 -5.25 41.10 20.50
CA PRO A 117 -4.24 40.10 20.11
C PRO A 117 -4.26 39.88 18.62
N LYS A 118 -3.08 39.92 18.02
CA LYS A 118 -3.00 39.71 16.57
C LYS A 118 -2.29 38.42 16.19
N ASN A 119 -1.26 38.05 16.93
CA ASN A 119 -0.47 36.86 16.65
C ASN A 119 -0.38 36.00 17.91
N VAL A 120 -0.77 34.71 17.78
CA VAL A 120 -0.85 33.80 18.91
C VAL A 120 -0.13 32.49 18.56
N LEU A 121 0.68 31.99 19.51
CA LEU A 121 1.36 30.71 19.40
C LEU A 121 0.74 29.70 20.34
N VAL A 122 0.48 28.48 19.85
CA VAL A 122 0.07 27.36 20.69
C VAL A 122 1.22 26.37 20.71
N VAL A 123 1.72 26.01 21.89
CA VAL A 123 2.75 24.99 22.01
C VAL A 123 2.09 23.68 22.42
N GLY A 124 2.42 22.58 21.71
CA GLY A 124 1.67 21.35 21.98
C GLY A 124 0.27 21.51 21.42
N GLY A 125 -0.70 20.86 22.03
CA GLY A 125 -2.06 21.13 21.51
C GLY A 125 -2.36 20.58 20.13
N GLY A 126 -1.76 19.44 19.77
CA GLY A 126 -2.04 18.90 18.44
C GLY A 126 -3.50 18.60 18.23
N ASP A 127 -4.25 18.35 19.30
CA ASP A 127 -5.65 18.00 19.14
C ASP A 127 -6.49 19.14 18.58
N GLY A 128 -6.00 20.37 18.62
CA GLY A 128 -6.71 21.48 18.01
C GLY A 128 -7.73 22.21 18.87
N GLY A 129 -8.00 21.74 20.09
CA GLY A 129 -9.02 22.41 20.91
C GLY A 129 -8.72 23.89 21.17
N ILE A 130 -7.49 24.21 21.54
CA ILE A 130 -7.17 25.62 21.74
C ILE A 130 -7.39 26.39 20.45
N ILE A 131 -6.87 25.87 19.34
CA ILE A 131 -7.03 26.58 18.06
C ILE A 131 -8.50 26.82 17.77
N ARG A 132 -9.37 25.85 18.07
CA ARG A 132 -10.80 26.05 17.82
C ARG A 132 -11.32 27.25 18.60
N GLU A 133 -10.85 27.43 19.83
CA GLU A 133 -11.31 28.57 20.62
C GLU A 133 -10.70 29.87 20.10
N LEU A 134 -9.43 29.80 19.67
CA LEU A 134 -8.76 30.99 19.14
C LEU A 134 -9.45 31.50 17.87
N CYS A 135 -9.88 30.60 16.97
CA CYS A 135 -10.48 31.06 15.72
C CYS A 135 -11.74 31.89 15.93
N LYS A 136 -12.32 31.86 17.13
CA LYS A 136 -13.54 32.64 17.38
C LYS A 136 -13.28 34.13 17.41
N TYR A 137 -12.03 34.54 17.55
CA TYR A 137 -11.65 35.93 17.70
C TYR A 137 -11.37 36.50 16.30
N LYS A 138 -12.20 37.45 15.83
CA LYS A 138 -11.98 38.05 14.51
C LYS A 138 -10.73 38.93 14.47
N SER A 139 -10.31 39.49 15.60
CA SER A 139 -9.11 40.32 15.60
C SER A 139 -7.86 39.53 15.25
N VAL A 140 -7.84 38.23 15.55
CA VAL A 140 -6.60 37.48 15.38
C VAL A 140 -6.28 37.38 13.90
N GLU A 141 -5.02 37.66 13.55
CA GLU A 141 -4.60 37.53 12.15
C GLU A 141 -3.78 36.28 11.86
N ASN A 142 -3.10 35.72 12.86
CA ASN A 142 -2.27 34.54 12.65
C ASN A 142 -2.28 33.65 13.89
N ILE A 143 -2.34 32.34 13.69
CA ILE A 143 -2.22 31.35 14.78
C ILE A 143 -1.18 30.33 14.37
N ASP A 144 -0.03 30.35 15.04
CA ASP A 144 0.97 29.31 14.85
C ASP A 144 0.76 28.23 15.91
N ILE A 145 0.82 26.98 15.51
CA ILE A 145 0.84 25.88 16.46
C ILE A 145 2.08 25.03 16.22
N CYS A 146 2.76 24.70 17.29
CA CYS A 146 3.97 23.91 17.24
C CYS A 146 3.72 22.60 17.98
N GLU A 147 3.75 21.48 17.24
CA GLU A 147 3.44 20.18 17.82
C GLU A 147 4.44 19.17 17.27
N ILE A 148 5.15 18.47 18.16
CA ILE A 148 6.23 17.60 17.72
C ILE A 148 5.74 16.34 17.01
N ASP A 149 4.50 15.91 17.25
CA ASP A 149 4.01 14.61 16.80
C ASP A 149 2.81 14.80 15.87
N GLU A 150 3.05 14.71 14.56
CA GLU A 150 1.96 14.94 13.61
C GLU A 150 0.85 13.89 13.68
N THR A 151 1.15 12.68 14.16
CA THR A 151 0.10 11.68 14.39
C THR A 151 -1.02 12.23 15.26
N VAL A 152 -0.68 12.92 16.35
CA VAL A 152 -1.69 13.58 17.19
C VAL A 152 -2.63 14.42 16.34
N ILE A 153 -2.06 15.32 15.52
CA ILE A 153 -2.88 16.19 14.69
C ILE A 153 -3.74 15.39 13.71
N GLU A 154 -3.11 14.44 13.03
CA GLU A 154 -3.84 13.64 12.05
C GLU A 154 -4.95 12.82 12.71
N VAL A 155 -4.65 12.20 13.86
CA VAL A 155 -5.68 11.44 14.56
C VAL A 155 -6.82 12.35 14.99
N SER A 156 -6.48 13.58 15.41
CA SER A 156 -7.55 14.47 15.82
C SER A 156 -8.38 14.94 14.64
N LYS A 157 -7.74 15.20 13.49
CA LYS A 157 -8.50 15.57 12.29
C LYS A 157 -9.47 14.48 11.88
N ILE A 158 -9.08 13.22 12.05
CA ILE A 158 -9.90 12.11 11.61
C ILE A 158 -11.00 11.81 12.61
N TYR A 159 -10.64 11.65 13.89
CA TYR A 159 -11.56 11.07 14.87
C TYR A 159 -12.27 12.11 15.74
N PHE A 160 -11.85 13.37 15.73
CA PHE A 160 -12.35 14.38 16.65
C PHE A 160 -12.70 15.66 15.88
N LYS A 161 -13.67 15.53 14.97
CA LYS A 161 -13.91 16.59 14.00
C LYS A 161 -14.40 17.87 14.67
N ASN A 162 -15.22 17.74 15.73
CA ASN A 162 -15.69 18.91 16.49
C ASN A 162 -14.62 19.51 17.39
N ILE A 163 -13.42 18.93 17.45
CA ILE A 163 -12.32 19.50 18.18
C ILE A 163 -11.24 20.05 17.27
N SER A 164 -10.99 19.42 16.11
CA SER A 164 -9.90 19.80 15.23
C SER A 164 -10.33 20.71 14.08
N CYS A 165 -11.55 21.27 14.14
CA CYS A 165 -12.09 22.02 13.01
C CYS A 165 -11.30 23.30 12.72
N GLY A 166 -10.63 23.86 13.73
CA GLY A 166 -9.83 25.06 13.55
C GLY A 166 -8.74 24.94 12.49
N TYR A 167 -8.26 23.72 12.23
CA TYR A 167 -7.20 23.53 11.23
C TYR A 167 -7.60 23.98 9.82
N GLU A 168 -8.89 24.09 9.53
CA GLU A 168 -9.34 24.55 8.22
C GLU A 168 -9.30 26.06 8.07
N ASP A 169 -8.96 26.80 9.13
CA ASP A 169 -8.90 28.26 9.09
C ASP A 169 -7.59 28.72 8.46
N LYS A 170 -7.69 29.69 7.55
CA LYS A 170 -6.53 30.14 6.78
C LYS A 170 -5.47 30.78 7.65
N ARG A 171 -5.84 31.33 8.82
CA ARG A 171 -4.86 31.95 9.69
C ARG A 171 -3.94 30.94 10.40
N VAL A 172 -4.24 29.65 10.32
CA VAL A 172 -3.59 28.65 11.16
C VAL A 172 -2.42 28.04 10.42
N ASN A 173 -1.24 28.05 11.04
CA ASN A 173 -0.03 27.51 10.44
C ASN A 173 0.60 26.47 11.35
N VAL A 174 0.91 25.29 10.80
CA VAL A 174 1.31 24.14 11.59
C VAL A 174 2.80 23.88 11.42
N PHE A 175 3.51 23.72 12.53
CA PHE A 175 4.93 23.42 12.55
C PHE A 175 5.14 22.10 13.28
N ILE A 176 5.61 21.08 12.57
CA ILE A 176 5.90 19.79 13.19
C ILE A 176 7.33 19.86 13.68
N GLU A 177 7.51 20.09 14.97
CA GLU A 177 8.80 20.59 15.42
C GLU A 177 8.81 20.61 16.95
N ASP A 178 9.99 20.39 17.52
CA ASP A 178 10.24 20.56 18.93
C ASP A 178 10.05 22.02 19.33
N ALA A 179 9.37 22.28 20.45
CA ALA A 179 9.04 23.66 20.78
C ALA A 179 10.27 24.49 21.11
N SER A 180 11.32 23.88 21.67
CA SER A 180 12.53 24.66 21.96
C SER A 180 13.20 25.11 20.66
N LYS A 181 13.24 24.23 19.66
CA LYS A 181 13.77 24.66 18.37
C LYS A 181 12.89 25.72 17.72
N PHE A 182 11.56 25.55 17.74
CA PHE A 182 10.68 26.57 17.21
C PHE A 182 10.90 27.92 17.91
N LEU A 183 10.90 27.93 19.24
CA LEU A 183 11.00 29.20 19.96
C LEU A 183 12.36 29.85 19.74
N GLU A 184 13.41 29.04 19.59
CA GLU A 184 14.71 29.63 19.33
C GLU A 184 14.79 30.20 17.93
N ASN A 185 13.97 29.70 17.01
CA ASN A 185 14.08 30.07 15.60
C ASN A 185 13.09 31.13 15.14
N VAL A 186 12.01 31.40 15.85
CA VAL A 186 10.96 32.20 15.25
C VAL A 186 11.40 33.67 15.25
N THR A 187 11.05 34.39 14.18
CA THR A 187 11.44 35.80 14.12
C THR A 187 10.36 36.72 14.66
N ASN A 188 9.10 36.35 14.45
CA ASN A 188 7.96 37.07 15.01
C ASN A 188 7.93 36.96 16.54
N THR A 189 7.29 37.96 17.15
CA THR A 189 6.87 37.92 18.54
C THR A 189 5.35 37.79 18.63
N TYR A 190 4.88 37.28 19.77
CA TYR A 190 3.47 36.95 19.94
C TYR A 190 2.83 37.80 21.02
N ASP A 191 1.54 38.07 20.81
CA ASP A 191 0.74 38.72 21.84
C ASP A 191 0.36 37.73 22.95
N VAL A 192 0.08 36.48 22.57
CA VAL A 192 -0.27 35.46 23.56
C VAL A 192 0.40 34.15 23.17
N ILE A 193 0.97 33.45 24.16
CA ILE A 193 1.47 32.10 23.96
C ILE A 193 0.72 31.18 24.92
N ILE A 194 0.24 30.06 24.40
CA ILE A 194 -0.56 29.15 25.20
C ILE A 194 0.16 27.82 25.18
N VAL A 195 0.74 27.41 26.31
CA VAL A 195 1.54 26.18 26.37
C VAL A 195 0.59 25.04 26.77
N ASP A 196 0.16 24.25 25.80
CA ASP A 196 -0.80 23.19 26.04
C ASP A 196 -0.07 21.84 26.05
N SER A 197 0.74 21.64 27.07
CA SER A 197 1.64 20.50 27.14
C SER A 197 2.10 20.28 28.58
N SER A 198 2.29 19.02 28.96
CA SER A 198 2.79 18.67 30.29
C SER A 198 4.27 19.05 30.42
N ASN A 209 11.11 24.01 33.31
CA ASN A 209 12.37 24.32 32.67
C ASN A 209 12.58 25.84 32.67
N GLN A 210 13.68 26.31 33.29
CA GLN A 210 13.92 27.75 33.37
C GLN A 210 14.39 28.35 32.05
N ASN A 211 15.22 27.61 31.31
CA ASN A 211 15.61 28.06 29.97
C ASN A 211 14.40 28.18 29.05
N PHE A 212 13.41 27.29 29.22
CA PHE A 212 12.23 27.32 28.36
C PHE A 212 11.43 28.59 28.57
N TYR A 213 11.33 29.05 29.81
CA TYR A 213 10.54 30.26 30.07
C TYR A 213 11.28 31.53 29.65
N GLU A 214 12.62 31.50 29.58
CA GLU A 214 13.36 32.57 28.92
C GLU A 214 12.95 32.68 27.45
N LYS A 215 12.87 31.54 26.76
CA LYS A 215 12.50 31.57 25.35
C LYS A 215 11.07 32.07 25.16
N ILE A 216 10.16 31.71 26.08
CA ILE A 216 8.80 32.22 26.02
C ILE A 216 8.80 33.73 26.17
N TYR A 217 9.51 34.22 27.20
CA TYR A 217 9.57 35.65 27.48
C TYR A 217 10.08 36.42 26.26
N ASN A 218 11.18 35.94 25.64
CA ASN A 218 11.74 36.59 24.47
C ASN A 218 10.79 36.55 23.28
N ALA A 219 10.01 35.47 23.15
CA ALA A 219 9.08 35.38 22.02
C ALA A 219 7.81 36.21 22.20
N LEU A 220 7.61 36.81 23.37
CA LEU A 220 6.42 37.60 23.64
C LEU A 220 6.68 39.08 23.35
N LYS A 221 5.64 39.75 22.85
CA LYS A 221 5.63 41.22 22.77
C LYS A 221 5.87 41.82 24.16
N PRO A 222 6.18 43.14 24.23
CA PRO A 222 6.41 43.79 25.53
C PRO A 222 5.28 43.63 26.53
N ASN A 223 4.03 43.68 26.07
CA ASN A 223 2.85 43.49 26.90
C ASN A 223 2.20 42.13 26.65
N GLY A 224 2.98 41.11 26.30
CA GLY A 224 2.41 39.84 25.93
C GLY A 224 2.15 38.95 27.14
N TYR A 225 1.40 37.86 26.94
CA TYR A 225 1.03 36.96 28.03
C TYR A 225 1.29 35.52 27.62
N CYS A 226 1.69 34.70 28.59
CA CYS A 226 1.82 33.25 28.43
C CYS A 226 0.97 32.57 29.48
N VAL A 227 0.17 31.57 29.10
CA VAL A 227 -0.51 30.68 30.05
C VAL A 227 -0.03 29.26 29.75
N ALA A 228 0.19 28.44 30.79
CA ALA A 228 0.74 27.12 30.57
C ALA A 228 0.01 26.14 31.47
N GLN A 229 -0.26 24.94 30.95
CA GLN A 229 -0.79 23.90 31.82
C GLN A 229 0.18 23.64 32.97
N CYS A 230 -0.37 23.48 34.18
CA CYS A 230 0.50 23.46 35.34
C CYS A 230 -0.12 22.69 36.53
N GLU A 231 -0.33 21.40 36.37
CA GLU A 231 -0.47 20.47 37.51
C GLU A 231 -1.72 20.64 38.35
N SER A 232 -2.14 19.56 39.00
CA SER A 232 -3.26 19.63 39.94
C SER A 232 -2.74 20.06 41.30
N LEU A 233 -3.45 20.99 41.94
CA LEU A 233 -3.08 21.45 43.27
C LEU A 233 -3.24 20.36 44.34
N TRP A 234 -3.97 19.30 44.02
CA TRP A 234 -4.12 18.17 44.93
C TRP A 234 -2.93 17.21 44.94
N ILE A 235 -1.98 17.28 44.00
CA ILE A 235 -0.94 16.27 44.01
C ILE A 235 0.48 16.79 43.83
N HIS A 236 0.68 17.86 43.10
CA HIS A 236 2.06 18.32 42.85
C HIS A 236 2.24 19.79 43.25
N VAL A 237 2.04 20.08 44.54
CA VAL A 237 2.27 21.45 45.01
C VAL A 237 3.75 21.81 44.89
N GLY A 238 4.64 20.82 45.08
CA GLY A 238 6.05 21.07 44.90
C GLY A 238 6.38 21.53 43.49
N THR A 239 5.77 20.91 42.49
CA THR A 239 6.00 21.29 41.10
C THR A 239 5.45 22.69 40.82
N ILE A 240 4.24 22.98 41.30
CA ILE A 240 3.65 24.31 41.13
C ILE A 240 4.59 25.37 41.70
N LYS A 241 5.14 25.11 42.89
CA LYS A 241 6.09 26.06 43.48
C LYS A 241 7.30 26.28 42.57
N ASN A 242 7.85 25.20 42.02
CA ASN A 242 8.98 25.35 41.11
C ASN A 242 8.60 26.15 39.87
N MET A 243 7.43 25.87 39.29
CA MET A 243 7.00 26.56 38.08
C MET A 243 6.82 28.05 38.34
N ILE A 244 6.16 28.41 39.45
CA ILE A 244 6.03 29.81 39.79
C ILE A 244 7.41 30.44 40.04
N GLY A 245 8.32 29.68 40.65
CA GLY A 245 9.67 30.18 40.86
C GLY A 245 10.39 30.51 39.56
N TYR A 246 10.36 29.58 38.60
CA TYR A 246 10.98 29.84 37.31
C TYR A 246 10.37 31.05 36.64
N ALA A 247 9.04 31.17 36.67
CA ALA A 247 8.37 32.24 35.94
C ALA A 247 8.66 33.59 36.56
N LYS A 248 8.69 33.65 37.90
CA LYS A 248 8.85 34.92 38.61
C LYS A 248 10.22 35.55 38.38
N LYS A 249 11.23 34.75 38.01
CA LYS A 249 12.54 35.31 37.71
C LYS A 249 12.49 36.20 36.48
N LEU A 250 11.57 35.94 35.55
CA LEU A 250 11.44 36.67 34.31
C LEU A 250 10.20 37.54 34.26
N PHE A 251 9.05 36.99 34.65
CA PHE A 251 7.79 37.70 34.57
C PHE A 251 7.54 38.47 35.85
N LYS A 252 6.97 39.65 35.73
CA LYS A 252 6.73 40.42 36.95
C LYS A 252 5.43 40.03 37.63
N LYS A 253 4.51 39.37 36.92
CA LYS A 253 3.24 38.93 37.50
C LYS A 253 3.00 37.47 37.13
N VAL A 254 2.99 36.61 38.13
CA VAL A 254 2.83 35.17 37.96
C VAL A 254 1.66 34.74 38.84
N GLU A 255 0.59 34.24 38.23
CA GLU A 255 -0.63 33.88 38.92
C GLU A 255 -1.01 32.44 38.55
N TYR A 256 -1.85 31.83 39.39
CA TYR A 256 -2.24 30.44 39.23
C TYR A 256 -3.75 30.32 39.32
N ALA A 257 -4.37 29.71 38.32
CA ALA A 257 -5.80 29.48 38.31
C ALA A 257 -6.09 27.98 38.23
N ASN A 258 -7.30 27.61 38.66
CA ASN A 258 -7.72 26.21 38.71
C ASN A 258 -8.92 25.99 37.78
N ILE A 259 -8.91 24.86 37.08
CA ILE A 259 -9.98 24.46 36.18
C ILE A 259 -10.57 23.14 36.67
N SER A 260 -11.89 23.05 36.72
CA SER A 260 -12.52 21.79 37.09
C SER A 260 -12.70 20.97 35.82
N ILE A 261 -12.12 19.78 35.81
CA ILE A 261 -12.31 18.91 34.65
C ILE A 261 -12.14 17.47 35.10
N PRO A 262 -13.19 16.65 34.95
CA PRO A 262 -13.22 15.36 35.69
C PRO A 262 -12.26 14.31 35.15
N THR A 263 -11.86 14.38 33.88
CA THR A 263 -11.02 13.32 33.35
C THR A 263 -9.55 13.67 33.43
N TYR A 264 -9.21 14.77 34.10
CA TYR A 264 -7.81 14.89 34.45
C TYR A 264 -7.61 14.40 35.88
N PRO A 265 -6.41 13.93 36.22
CA PRO A 265 -6.16 13.37 37.56
C PRO A 265 -6.57 14.35 38.65
N CYS A 266 -7.34 13.86 39.62
CA CYS A 266 -7.82 14.63 40.77
C CYS A 266 -8.94 15.58 40.37
N GLY A 267 -9.37 15.55 39.09
CA GLY A 267 -10.54 16.29 38.68
C GLY A 267 -10.30 17.74 38.42
N CYS A 268 -9.04 18.18 38.36
CA CYS A 268 -8.77 19.58 38.10
C CYS A 268 -7.34 19.72 37.58
N ILE A 269 -7.04 20.90 37.04
CA ILE A 269 -5.73 21.18 36.46
C ILE A 269 -5.50 22.68 36.51
N GLY A 270 -4.27 23.10 36.80
CA GLY A 270 -3.94 24.50 36.94
C GLY A 270 -3.44 25.14 35.65
N ILE A 271 -3.51 26.47 35.64
CA ILE A 271 -2.99 27.32 34.58
C ILE A 271 -1.96 28.23 35.22
N LEU A 272 -0.70 28.12 34.77
CA LEU A 272 0.32 29.08 35.22
C LEU A 272 0.21 30.33 34.35
N CYS A 273 0.01 31.49 34.96
CA CYS A 273 -0.32 32.69 34.21
C CYS A 273 0.80 33.72 34.38
N CYS A 274 1.43 34.09 33.27
CA CYS A 274 2.63 34.92 33.30
C CYS A 274 2.36 36.20 32.50
N SER A 275 2.63 37.33 33.14
CA SER A 275 2.38 38.64 32.60
C SER A 275 3.67 39.45 32.62
N LYS A 276 3.88 40.23 31.57
CA LYS A 276 4.96 41.19 31.56
C LYS A 276 4.55 42.51 32.18
N THR A 277 3.26 42.86 32.13
CA THR A 277 2.72 44.02 32.79
C THR A 277 2.41 43.72 34.25
N ASP A 278 2.12 44.75 35.02
CA ASP A 278 1.90 44.55 36.44
C ASP A 278 0.46 44.19 36.77
N THR A 279 -0.46 44.38 35.82
CA THR A 279 -1.87 44.11 36.09
C THR A 279 -2.24 42.62 36.08
N GLY A 280 -1.46 41.75 35.43
CA GLY A 280 -1.78 40.31 35.52
C GLY A 280 -3.02 39.88 34.74
N LEU A 281 -3.48 38.65 35.01
CA LEU A 281 -4.47 37.98 34.17
C LEU A 281 -5.80 37.66 34.86
N THR A 282 -6.03 38.14 36.09
CA THR A 282 -7.23 37.75 36.84
C THR A 282 -8.50 38.47 36.38
N LYS A 283 -8.39 39.61 35.70
CA LYS A 283 -9.57 40.38 35.35
C LYS A 283 -9.65 40.59 33.84
N PRO A 284 -10.71 40.09 33.19
CA PRO A 284 -10.85 40.30 31.74
C PRO A 284 -11.07 41.77 31.42
N ASN A 285 -10.58 42.17 30.24
CA ASN A 285 -10.78 43.52 29.73
C ASN A 285 -11.89 43.59 28.71
N LYS A 286 -12.67 42.53 28.52
CA LYS A 286 -13.68 42.49 27.48
C LYS A 286 -14.66 41.36 27.76
N LYS A 287 -15.88 41.50 27.24
CA LYS A 287 -16.87 40.45 27.34
C LYS A 287 -17.02 39.75 25.99
N LEU A 288 -17.31 38.45 26.03
CA LEU A 288 -17.41 37.65 24.82
C LEU A 288 -18.87 37.62 24.36
N GLU A 289 -19.28 38.69 23.69
CA GLU A 289 -20.69 38.90 23.38
C GLU A 289 -21.08 38.56 21.94
N SER A 290 -20.15 38.58 20.99
CA SER A 290 -20.52 38.35 19.60
C SER A 290 -20.98 36.91 19.37
N LYS A 291 -21.56 36.68 18.19
CA LYS A 291 -22.25 35.42 17.93
C LYS A 291 -21.31 34.22 17.98
N GLU A 292 -20.00 34.43 17.79
CA GLU A 292 -19.03 33.34 17.78
C GLU A 292 -18.89 32.69 19.16
N PHE A 293 -19.24 33.40 20.22
CA PHE A 293 -19.07 32.92 21.57
C PHE A 293 -20.38 32.51 22.24
N ALA A 294 -21.49 32.56 21.50
CA ALA A 294 -22.78 32.19 22.05
C ALA A 294 -22.84 30.76 22.57
N ASP A 295 -21.95 29.89 22.09
CA ASP A 295 -21.98 28.46 22.36
C ASP A 295 -21.02 28.05 23.49
N LEU A 296 -20.41 29.01 24.19
CA LEU A 296 -19.44 28.70 25.22
C LEU A 296 -20.12 27.93 26.35
N LYS A 297 -19.43 26.90 26.84
CA LYS A 297 -20.03 25.99 27.80
C LYS A 297 -19.44 26.06 29.20
N TYR A 298 -18.28 26.68 29.40
CA TYR A 298 -17.70 26.79 30.73
C TYR A 298 -17.34 28.24 31.07
N TYR A 299 -16.47 28.83 30.26
CA TYR A 299 -15.96 30.17 30.52
C TYR A 299 -17.08 31.22 30.56
N ASN A 300 -17.03 32.09 31.55
CA ASN A 300 -17.73 33.38 31.45
C ASN A 300 -16.98 34.44 32.24
N TYR A 301 -17.46 35.69 32.11
CA TYR A 301 -16.79 36.83 32.73
C TYR A 301 -16.54 36.62 34.23
N GLU A 302 -17.53 36.09 34.94
CA GLU A 302 -17.36 35.86 36.38
C GLU A 302 -16.43 34.66 36.69
N ASN A 303 -16.51 33.58 35.90
CA ASN A 303 -15.68 32.40 36.15
C ASN A 303 -14.22 32.72 36.01
N HIS A 304 -13.89 33.62 35.08
CA HIS A 304 -12.53 34.03 34.84
C HIS A 304 -11.84 34.40 36.15
N SER A 305 -12.40 35.39 36.86
CA SER A 305 -11.79 35.84 38.13
C SER A 305 -11.87 34.75 39.19
N ALA A 306 -12.97 34.01 39.23
CA ALA A 306 -13.17 33.05 40.31
C ALA A 306 -12.12 31.95 40.29
N ALA A 307 -11.56 31.66 39.09
CA ALA A 307 -10.64 30.53 38.94
C ALA A 307 -9.33 30.81 39.66
N PHE A 308 -9.08 32.07 39.98
CA PHE A 308 -7.86 32.45 40.69
C PHE A 308 -8.03 32.44 42.21
N LYS A 309 -9.22 32.13 42.72
CA LYS A 309 -9.46 32.08 44.17
C LYS A 309 -9.18 30.66 44.65
N LEU A 310 -7.95 30.42 45.16
CA LEU A 310 -7.41 29.10 45.41
C LEU A 310 -7.67 28.65 46.85
N PRO A 311 -7.68 27.36 47.10
CA PRO A 311 -7.80 26.87 48.50
C PRO A 311 -6.67 27.38 49.39
N ALA A 312 -7.01 27.55 50.69
CA ALA A 312 -6.09 28.17 51.64
C ALA A 312 -4.73 27.49 51.69
N PHE A 313 -4.69 26.15 51.68
CA PHE A 313 -3.39 25.49 51.82
C PHE A 313 -2.44 25.82 50.65
N LEU A 314 -2.97 26.01 49.45
CA LEU A 314 -2.10 26.33 48.32
C LEU A 314 -1.57 27.76 48.40
N LEU A 315 -2.46 28.73 48.65
CA LEU A 315 -2.04 30.10 48.93
C LEU A 315 -0.89 30.14 49.93
N LYS A 316 -0.96 29.32 50.98
CA LYS A 316 0.09 29.35 51.99
C LYS A 316 1.42 28.88 51.41
N GLU A 317 1.39 27.85 50.58
CA GLU A 317 2.63 27.33 50.04
C GLU A 317 3.30 28.27 49.04
N ILE A 318 2.55 29.18 48.42
CA ILE A 318 3.07 29.91 47.27
C ILE A 318 3.14 31.41 47.51
N GLU A 319 2.72 31.88 48.67
CA GLU A 319 2.87 33.31 48.93
C GLU A 319 4.30 33.71 49.28
N ASN A 320 5.12 32.75 49.73
CA ASN A 320 6.51 33.01 50.11
C ASN A 320 7.51 32.83 48.98
N ILE A 321 7.08 32.38 47.80
CA ILE A 321 8.03 32.19 46.69
C ILE A 321 8.41 33.54 46.09
N LYS B 41 -21.11 -10.07 6.31
CA LYS B 41 -19.81 -9.58 5.83
C LYS B 41 -19.89 -9.28 4.35
N LYS B 42 -19.46 -8.08 3.96
CA LYS B 42 -19.66 -7.62 2.60
C LYS B 42 -18.33 -7.64 1.83
N TRP B 43 -18.42 -7.32 0.56
CA TRP B 43 -17.29 -7.39 -0.35
C TRP B 43 -17.12 -6.05 -1.03
N PHE B 44 -15.88 -5.62 -1.16
CA PHE B 44 -15.54 -4.54 -2.06
C PHE B 44 -15.30 -5.08 -3.47
N SER B 45 -15.92 -4.47 -4.48
CA SER B 45 -15.77 -4.89 -5.87
C SER B 45 -15.34 -3.71 -6.72
N GLU B 46 -14.36 -3.95 -7.57
CA GLU B 46 -13.71 -2.92 -8.38
C GLU B 46 -14.18 -3.07 -9.82
N PHE B 47 -15.05 -2.15 -10.26
CA PHE B 47 -15.50 -2.06 -11.64
C PHE B 47 -14.89 -0.83 -12.29
N SER B 48 -14.74 -0.88 -13.62
CA SER B 48 -14.30 0.29 -14.36
C SER B 48 -14.62 0.15 -15.84
N ILE B 49 -14.92 1.30 -16.46
CA ILE B 49 -15.00 1.45 -17.91
C ILE B 49 -13.66 1.13 -18.56
N MET B 50 -12.57 1.28 -17.81
CA MET B 50 -11.25 0.99 -18.37
C MET B 50 -10.96 -0.50 -18.47
N TRP B 51 -11.78 -1.36 -17.85
CA TRP B 51 -11.64 -2.81 -18.02
C TRP B 51 -13.03 -3.42 -18.00
N PRO B 52 -13.82 -3.20 -19.04
CA PRO B 52 -15.23 -3.59 -18.99
C PRO B 52 -15.37 -5.10 -19.06
N GLY B 53 -16.41 -5.60 -18.43
CA GLY B 53 -16.65 -7.03 -18.47
C GLY B 53 -15.86 -7.89 -17.49
N GLN B 54 -15.06 -7.30 -16.59
CA GLN B 54 -14.39 -8.03 -15.52
C GLN B 54 -14.45 -7.23 -14.22
N ALA B 55 -14.29 -7.94 -13.10
CA ALA B 55 -14.19 -7.24 -11.82
C ALA B 55 -13.45 -8.11 -10.84
N PHE B 56 -12.75 -7.48 -9.92
CA PHE B 56 -12.03 -8.14 -8.86
C PHE B 56 -12.64 -7.71 -7.54
N SER B 57 -12.83 -8.65 -6.62
CA SER B 57 -13.46 -8.35 -5.35
C SER B 57 -12.63 -8.86 -4.18
N LEU B 58 -12.66 -8.11 -3.08
CA LEU B 58 -12.03 -8.52 -1.83
C LEU B 58 -13.05 -8.42 -0.71
N LYS B 59 -13.06 -9.42 0.15
CA LYS B 59 -13.96 -9.45 1.28
C LYS B 59 -13.47 -8.48 2.36
N ILE B 60 -14.40 -7.69 2.90
CA ILE B 60 -14.10 -6.62 3.85
C ILE B 60 -14.17 -7.19 5.27
N LYS B 61 -13.06 -7.10 6.01
CA LYS B 61 -13.09 -7.43 7.43
C LYS B 61 -13.70 -6.28 8.23
N LYS B 62 -13.23 -5.07 8.01
CA LYS B 62 -13.86 -3.88 8.59
C LYS B 62 -13.40 -2.65 7.85
N ILE B 63 -14.33 -1.70 7.67
CA ILE B 63 -14.00 -0.41 7.07
C ILE B 63 -13.29 0.44 8.11
N LEU B 64 -12.19 1.08 7.70
CA LEU B 64 -11.43 1.88 8.63
C LEU B 64 -11.62 3.38 8.45
N TYR B 65 -11.89 3.82 7.23
CA TYR B 65 -11.90 5.24 6.91
C TYR B 65 -12.55 5.44 5.56
N GLU B 66 -13.48 6.38 5.49
CA GLU B 66 -14.15 6.72 4.23
C GLU B 66 -14.40 8.21 4.24
N THR B 67 -13.93 8.90 3.20
CA THR B 67 -14.15 10.34 3.12
C THR B 67 -14.14 10.77 1.66
N LYS B 68 -14.64 11.97 1.41
CA LYS B 68 -14.51 12.65 0.13
C LYS B 68 -13.49 13.75 0.32
N SER B 69 -12.28 13.55 -0.18
CA SER B 69 -11.30 14.60 -0.14
C SER B 69 -11.68 15.71 -1.12
N LYS B 70 -10.81 16.71 -1.23
CA LYS B 70 -11.03 17.75 -2.21
C LYS B 70 -11.00 17.19 -3.63
N TYR B 71 -10.39 16.02 -3.82
CA TYR B 71 -10.15 15.56 -5.19
C TYR B 71 -10.77 14.21 -5.51
N GLN B 72 -11.05 13.37 -4.51
CA GLN B 72 -11.43 11.99 -4.82
C GLN B 72 -12.04 11.34 -3.58
N ASN B 73 -12.81 10.29 -3.82
CA ASN B 73 -13.28 9.49 -2.69
C ASN B 73 -12.15 8.61 -2.17
N VAL B 74 -11.97 8.59 -0.86
CA VAL B 74 -10.89 7.87 -0.20
C VAL B 74 -11.51 6.83 0.71
N LEU B 75 -11.18 5.57 0.50
CA LEU B 75 -11.68 4.46 1.29
C LEU B 75 -10.51 3.60 1.74
N VAL B 76 -10.48 3.30 3.04
CA VAL B 76 -9.45 2.45 3.63
C VAL B 76 -10.15 1.34 4.41
N PHE B 77 -9.95 0.09 3.99
CA PHE B 77 -10.57 -0.98 4.73
C PHE B 77 -9.56 -2.10 4.98
N GLU B 78 -9.81 -2.82 6.05
CA GLU B 78 -9.07 -4.03 6.32
C GLU B 78 -9.80 -5.17 5.59
N SER B 79 -9.09 -5.81 4.66
CA SER B 79 -9.62 -6.98 3.98
C SER B 79 -9.36 -8.23 4.82
N THR B 80 -10.07 -9.31 4.50
CA THR B 80 -9.89 -10.55 5.26
C THR B 80 -8.57 -11.25 4.93
N THR B 81 -8.03 -11.11 3.71
CA THR B 81 -6.82 -11.87 3.38
C THR B 81 -5.70 -11.05 2.72
N TYR B 82 -5.93 -9.78 2.39
CA TYR B 82 -4.87 -8.97 1.76
C TYR B 82 -4.37 -7.84 2.67
N GLY B 83 -4.70 -7.87 3.95
CA GLY B 83 -4.31 -6.72 4.79
C GLY B 83 -5.15 -5.49 4.51
N LYS B 84 -4.60 -4.32 4.87
CA LYS B 84 -5.34 -3.11 4.62
C LYS B 84 -5.24 -2.71 3.14
N VAL B 85 -6.31 -2.10 2.65
CA VAL B 85 -6.50 -1.76 1.24
C VAL B 85 -6.81 -0.26 1.11
N LEU B 86 -6.08 0.43 0.22
CA LEU B 86 -6.40 1.82 -0.10
C LEU B 86 -7.10 1.90 -1.44
N VAL B 87 -8.25 2.56 -1.45
CA VAL B 87 -9.13 2.66 -2.63
C VAL B 87 -9.40 4.13 -2.93
N LEU B 88 -9.16 4.55 -4.17
CA LEU B 88 -9.38 5.93 -4.60
C LEU B 88 -10.35 5.94 -5.78
N ASP B 89 -11.49 6.62 -5.60
CA ASP B 89 -12.53 6.67 -6.64
C ASP B 89 -12.89 5.26 -7.13
N GLY B 90 -13.01 4.33 -6.18
CA GLY B 90 -13.44 2.99 -6.47
C GLY B 90 -12.38 2.08 -7.05
N VAL B 91 -11.18 2.57 -7.30
CA VAL B 91 -10.11 1.80 -7.92
C VAL B 91 -9.08 1.49 -6.85
N ILE B 92 -8.70 0.20 -6.72
CA ILE B 92 -7.70 -0.18 -5.73
C ILE B 92 -6.38 0.50 -6.06
N GLN B 93 -5.79 1.14 -5.05
N GLN B 93 -5.79 1.15 -5.06
CA GLN B 93 -4.51 1.81 -5.13
CA GLN B 93 -4.46 1.74 -5.23
C GLN B 93 -3.35 0.96 -4.64
C GLN B 93 -3.35 0.84 -4.70
N LEU B 94 -3.54 0.26 -3.52
CA LEU B 94 -2.58 -0.74 -3.03
C LEU B 94 -3.25 -1.59 -1.98
N THR B 95 -2.60 -2.72 -1.66
CA THR B 95 -2.90 -3.54 -0.51
C THR B 95 -1.59 -3.88 0.18
N GLU B 96 -1.63 -4.10 1.50
CA GLU B 96 -0.40 -4.46 2.20
C GLU B 96 0.22 -5.74 1.65
N LYS B 97 -0.61 -6.69 1.24
CA LYS B 97 -0.08 -8.02 0.92
C LYS B 97 0.85 -7.98 -0.28
N ASP B 98 0.59 -7.11 -1.26
CA ASP B 98 1.34 -7.21 -2.52
C ASP B 98 1.98 -5.90 -2.98
N GLU B 99 1.84 -4.80 -2.23
CA GLU B 99 2.31 -3.50 -2.74
C GLU B 99 3.80 -3.51 -3.00
N PHE B 100 4.55 -4.37 -2.28
CA PHE B 100 6.00 -4.34 -2.46
C PHE B 100 6.42 -4.73 -3.89
N ALA B 101 5.59 -5.51 -4.60
CA ALA B 101 5.96 -5.89 -5.98
C ALA B 101 6.04 -4.65 -6.87
N TYR B 102 5.03 -3.82 -6.82
CA TYR B 102 5.01 -2.62 -7.64
C TYR B 102 6.07 -1.61 -7.19
N HIS B 103 6.11 -1.31 -5.88
CA HIS B 103 7.00 -0.24 -5.43
C HIS B 103 8.45 -0.63 -5.62
N GLU B 104 8.77 -1.91 -5.43
CA GLU B 104 10.17 -2.34 -5.59
C GLU B 104 10.60 -2.30 -7.05
N MET B 105 9.77 -2.83 -7.97
CA MET B 105 10.16 -2.83 -9.38
C MET B 105 10.21 -1.40 -9.93
N MET B 106 9.20 -0.58 -9.59
CA MET B 106 9.19 0.79 -10.11
C MET B 106 10.43 1.55 -9.66
N THR B 107 10.95 1.25 -8.48
CA THR B 107 12.05 2.03 -7.90
C THR B 107 13.39 1.43 -8.28
N HIS B 108 13.57 0.13 -8.05
CA HIS B 108 14.91 -0.41 -8.18
C HIS B 108 15.33 -0.66 -9.62
N VAL B 109 14.40 -0.76 -10.56
CA VAL B 109 14.80 -0.81 -11.97
C VAL B 109 15.60 0.43 -12.36
N PRO B 110 15.07 1.66 -12.19
CA PRO B 110 15.88 2.82 -12.58
C PRO B 110 17.01 3.11 -11.61
N MET B 111 16.84 2.83 -10.33
CA MET B 111 17.87 3.24 -9.38
C MET B 111 19.07 2.31 -9.36
N THR B 112 18.99 1.11 -9.93
CA THR B 112 20.19 0.31 -10.11
C THR B 112 20.90 0.57 -11.44
N VAL B 113 20.30 1.34 -12.34
CA VAL B 113 20.94 1.71 -13.59
C VAL B 113 21.60 3.09 -13.48
N SER B 114 20.88 4.07 -12.95
CA SER B 114 21.48 5.38 -12.67
C SER B 114 22.70 5.19 -11.75
N LYS B 115 23.84 5.77 -12.14
CA LYS B 115 25.09 5.44 -11.48
C LYS B 115 25.13 5.92 -10.04
N GLU B 116 25.07 7.22 -9.86
CA GLU B 116 25.12 7.85 -8.54
C GLU B 116 24.02 8.90 -8.50
N PRO B 117 22.76 8.47 -8.41
CA PRO B 117 21.64 9.42 -8.46
C PRO B 117 21.64 10.29 -7.23
N LYS B 118 21.49 11.59 -7.44
CA LYS B 118 21.52 12.59 -6.38
C LYS B 118 20.16 13.26 -6.16
N ASN B 119 19.38 13.45 -7.22
CA ASN B 119 18.06 14.06 -7.11
C ASN B 119 17.05 13.16 -7.76
N VAL B 120 15.99 12.81 -7.04
CA VAL B 120 14.93 11.98 -7.59
C VAL B 120 13.60 12.64 -7.35
N LEU B 121 12.70 12.52 -8.31
CA LEU B 121 11.35 13.03 -8.19
C LEU B 121 10.36 11.89 -8.33
N VAL B 122 9.39 11.86 -7.42
CA VAL B 122 8.24 11.00 -7.51
C VAL B 122 7.02 11.83 -7.88
N VAL B 123 6.35 11.47 -8.97
CA VAL B 123 5.14 12.17 -9.42
C VAL B 123 3.94 11.36 -8.96
N GLY B 124 3.04 11.99 -8.20
CA GLY B 124 1.98 11.19 -7.61
C GLY B 124 2.51 10.43 -6.41
N GLY B 125 1.91 9.29 -6.12
CA GLY B 125 2.48 8.49 -5.03
C GLY B 125 2.43 9.11 -3.63
N GLY B 126 1.32 9.78 -3.31
CA GLY B 126 1.09 10.19 -1.94
C GLY B 126 1.14 9.05 -0.92
N ASP B 127 0.94 7.78 -1.35
CA ASP B 127 0.99 6.73 -0.35
C ASP B 127 2.39 6.49 0.18
N GLY B 128 3.44 6.98 -0.50
CA GLY B 128 4.79 6.89 0.01
C GLY B 128 5.54 5.60 -0.29
N GLY B 129 4.91 4.64 -0.96
CA GLY B 129 5.61 3.37 -1.23
C GLY B 129 6.91 3.55 -2.00
N ILE B 130 6.89 4.39 -3.03
CA ILE B 130 8.11 4.66 -3.81
C ILE B 130 9.15 5.33 -2.92
N ILE B 131 8.74 6.35 -2.16
CA ILE B 131 9.67 7.04 -1.26
C ILE B 131 10.34 6.07 -0.30
N ARG B 132 9.56 5.14 0.28
CA ARG B 132 10.16 4.14 1.16
C ARG B 132 11.32 3.41 0.46
N GLU B 133 11.11 3.03 -0.79
CA GLU B 133 12.18 2.31 -1.49
C GLU B 133 13.34 3.24 -1.81
N LEU B 134 13.04 4.52 -2.15
CA LEU B 134 14.10 5.45 -2.50
C LEU B 134 15.01 5.75 -1.31
N CYS B 135 14.44 5.81 -0.10
CA CYS B 135 15.24 6.15 1.07
C CYS B 135 16.39 5.18 1.32
N LYS B 136 16.31 3.96 0.77
CA LYS B 136 17.33 2.95 1.01
C LYS B 136 18.64 3.31 0.33
N TYR B 137 18.63 4.25 -0.61
CA TYR B 137 19.82 4.67 -1.34
C TYR B 137 20.49 5.83 -0.58
N LYS B 138 21.69 5.57 -0.02
CA LYS B 138 22.40 6.61 0.73
C LYS B 138 22.92 7.72 -0.17
N SER B 139 23.19 7.42 -1.45
CA SER B 139 23.74 8.41 -2.36
C SER B 139 22.75 9.55 -2.63
N VAL B 140 21.46 9.34 -2.40
CA VAL B 140 20.47 10.32 -2.81
C VAL B 140 20.48 11.47 -1.82
N GLU B 141 20.49 12.70 -2.34
CA GLU B 141 20.47 13.90 -1.48
C GLU B 141 19.08 14.49 -1.33
N ASN B 142 18.29 14.52 -2.39
CA ASN B 142 16.95 15.09 -2.35
C ASN B 142 15.98 14.11 -2.97
N ILE B 143 14.90 13.83 -2.25
CA ILE B 143 13.77 13.05 -2.74
C ILE B 143 12.59 14.02 -2.74
N ASP B 144 12.23 14.50 -3.92
CA ASP B 144 11.09 15.39 -4.05
C ASP B 144 9.87 14.60 -4.46
N ILE B 145 8.72 14.94 -3.91
CA ILE B 145 7.47 14.30 -4.34
C ILE B 145 6.40 15.35 -4.55
N CYS B 146 5.69 15.28 -5.68
CA CYS B 146 4.57 16.17 -5.91
C CYS B 146 3.29 15.35 -5.95
N GLU B 147 2.40 15.62 -5.02
CA GLU B 147 1.15 14.91 -4.79
C GLU B 147 0.06 15.96 -4.62
N ILE B 148 -1.01 15.87 -5.40
CA ILE B 148 -2.01 16.93 -5.34
C ILE B 148 -2.92 16.77 -4.13
N ASP B 149 -3.18 15.54 -3.67
CA ASP B 149 -4.16 15.29 -2.60
C ASP B 149 -3.45 14.99 -1.28
N GLU B 150 -3.36 16.02 -0.43
CA GLU B 150 -2.75 15.86 0.88
C GLU B 150 -3.48 14.82 1.70
N THR B 151 -4.76 14.58 1.43
CA THR B 151 -5.46 13.61 2.26
C THR B 151 -4.87 12.22 2.07
N VAL B 152 -4.36 11.92 0.86
CA VAL B 152 -3.78 10.61 0.61
C VAL B 152 -2.53 10.41 1.48
N ILE B 153 -1.74 11.47 1.67
CA ILE B 153 -0.54 11.35 2.49
C ILE B 153 -0.91 11.07 3.95
N GLU B 154 -1.88 11.81 4.49
CA GLU B 154 -2.27 11.64 5.90
C GLU B 154 -2.83 10.25 6.14
N VAL B 155 -3.78 9.84 5.30
CA VAL B 155 -4.38 8.51 5.36
C VAL B 155 -3.31 7.42 5.30
N SER B 156 -2.30 7.61 4.45
CA SER B 156 -1.24 6.59 4.38
C SER B 156 -0.35 6.65 5.61
N LYS B 157 -0.11 7.86 6.15
CA LYS B 157 0.66 7.95 7.39
C LYS B 157 -0.07 7.30 8.57
N ILE B 158 -1.39 7.38 8.61
CA ILE B 158 -2.16 6.90 9.77
C ILE B 158 -2.44 5.40 9.69
N TYR B 159 -2.76 4.87 8.50
CA TYR B 159 -3.16 3.47 8.41
C TYR B 159 -2.14 2.56 7.77
N PHE B 160 -1.16 3.09 7.05
CA PHE B 160 -0.22 2.25 6.31
C PHE B 160 1.22 2.52 6.73
N LYS B 161 1.55 2.23 7.98
CA LYS B 161 2.78 2.75 8.57
C LYS B 161 4.02 2.14 7.92
N ASN B 162 3.95 0.86 7.53
CA ASN B 162 5.04 0.20 6.81
C ASN B 162 5.17 0.67 5.37
N ILE B 163 4.22 1.44 4.86
CA ILE B 163 4.31 2.04 3.54
C ILE B 163 4.72 3.51 3.61
N SER B 164 4.29 4.24 4.65
CA SER B 164 4.51 5.69 4.75
C SER B 164 5.76 6.09 5.54
N CYS B 165 6.55 5.12 6.00
CA CYS B 165 7.65 5.40 6.93
C CYS B 165 8.75 6.28 6.34
N GLY B 166 8.89 6.30 5.00
CA GLY B 166 9.88 7.15 4.34
C GLY B 166 9.67 8.64 4.53
N TYR B 167 8.45 9.06 4.86
CA TYR B 167 8.23 10.50 5.08
C TYR B 167 9.01 11.04 6.28
N GLU B 168 9.47 10.16 7.18
CA GLU B 168 10.34 10.59 8.29
C GLU B 168 11.74 10.96 7.82
N ASP B 169 12.15 10.56 6.62
CA ASP B 169 13.51 10.80 6.18
C ASP B 169 13.71 12.28 5.87
N LYS B 170 14.81 12.86 6.38
CA LYS B 170 15.02 14.29 6.26
C LYS B 170 15.25 14.73 4.82
N ARG B 171 15.50 13.79 3.91
CA ARG B 171 15.77 14.21 2.54
C ARG B 171 14.51 14.42 1.72
N VAL B 172 13.36 14.04 2.26
CA VAL B 172 12.11 14.07 1.49
C VAL B 172 11.51 15.47 1.53
N ASN B 173 11.18 16.00 0.35
CA ASN B 173 10.51 17.28 0.24
C ASN B 173 9.18 17.07 -0.46
N VAL B 174 8.10 17.45 0.20
CA VAL B 174 6.73 17.22 -0.24
C VAL B 174 6.19 18.49 -0.86
N PHE B 175 5.66 18.38 -2.07
CA PHE B 175 5.04 19.50 -2.74
C PHE B 175 3.59 19.14 -3.03
N ILE B 176 2.67 19.92 -2.48
CA ILE B 176 1.24 19.70 -2.70
C ILE B 176 0.89 20.50 -3.93
N GLU B 177 1.09 19.89 -5.09
CA GLU B 177 1.10 20.65 -6.33
C GLU B 177 0.81 19.70 -7.47
N ASP B 178 0.18 20.24 -8.52
CA ASP B 178 0.03 19.54 -9.78
C ASP B 178 1.41 19.28 -10.40
N ALA B 179 1.61 18.06 -10.89
CA ALA B 179 2.92 17.71 -11.41
C ALA B 179 3.27 18.50 -12.67
N SER B 180 2.32 18.68 -13.59
CA SER B 180 2.61 19.49 -14.77
C SER B 180 3.13 20.86 -14.38
N LYS B 181 2.50 21.45 -13.36
CA LYS B 181 2.92 22.78 -12.90
C LYS B 181 4.27 22.70 -12.18
N PHE B 182 4.45 21.70 -11.32
CA PHE B 182 5.76 21.51 -10.69
C PHE B 182 6.86 21.36 -11.73
N LEU B 183 6.62 20.52 -12.75
CA LEU B 183 7.66 20.19 -13.72
C LEU B 183 8.04 21.37 -14.60
N GLU B 184 7.12 22.32 -14.82
CA GLU B 184 7.50 23.52 -15.56
C GLU B 184 8.58 24.30 -14.84
N ASN B 185 8.60 24.24 -13.51
CA ASN B 185 9.50 25.02 -12.68
C ASN B 185 10.89 24.42 -12.54
N VAL B 186 11.22 23.36 -13.28
CA VAL B 186 12.47 22.64 -13.07
C VAL B 186 13.04 22.17 -14.40
N THR B 187 14.35 22.29 -14.55
CA THR B 187 15.09 22.01 -15.77
C THR B 187 16.39 21.34 -15.39
N ASN B 188 16.75 20.23 -16.05
CA ASN B 188 18.11 19.69 -15.95
C ASN B 188 18.49 19.33 -14.50
N THR B 189 17.55 18.76 -13.75
CA THR B 189 17.72 18.57 -12.32
C THR B 189 17.75 17.11 -11.89
N TYR B 190 16.79 16.29 -12.32
CA TYR B 190 16.60 14.97 -11.74
C TYR B 190 17.38 13.87 -12.46
N ASP B 191 17.95 12.96 -11.67
CA ASP B 191 18.58 11.79 -12.27
C ASP B 191 17.56 10.72 -12.61
N VAL B 192 16.48 10.66 -11.83
CA VAL B 192 15.44 9.65 -12.01
C VAL B 192 14.15 10.35 -11.68
N ILE B 193 13.15 10.15 -12.51
CA ILE B 193 11.79 10.59 -12.25
C ILE B 193 10.88 9.38 -12.34
N ILE B 194 10.10 9.14 -11.30
CA ILE B 194 9.23 7.98 -11.21
C ILE B 194 7.80 8.49 -11.20
N VAL B 195 7.03 8.10 -12.21
CA VAL B 195 5.65 8.57 -12.35
C VAL B 195 4.74 7.48 -11.76
N ASP B 196 4.27 7.73 -10.56
CA ASP B 196 3.41 6.81 -9.84
C ASP B 196 1.99 7.35 -9.88
N SER B 197 1.42 7.31 -11.08
CA SER B 197 0.08 7.82 -11.31
C SER B 197 -0.42 7.26 -12.64
N SER B 198 -1.65 6.73 -12.64
CA SER B 198 -2.35 6.41 -13.89
C SER B 198 -3.16 7.63 -14.34
N ASP B 199 -2.98 8.02 -15.59
CA ASP B 199 -3.67 9.19 -16.14
C ASP B 199 -4.27 8.91 -17.51
N ASN B 209 0.37 11.95 -21.84
CA ASN B 209 0.26 12.76 -23.06
C ASN B 209 1.62 13.34 -23.49
N GLN B 210 1.67 13.87 -24.71
CA GLN B 210 2.93 14.32 -25.30
C GLN B 210 3.52 15.53 -24.57
N ASN B 211 2.68 16.43 -24.07
CA ASN B 211 3.19 17.62 -23.41
C ASN B 211 3.82 17.28 -22.05
N PHE B 212 3.18 16.37 -21.32
CA PHE B 212 3.75 15.91 -20.05
C PHE B 212 5.16 15.39 -20.24
N TYR B 213 5.39 14.55 -21.26
CA TYR B 213 6.70 13.93 -21.36
C TYR B 213 7.81 14.87 -21.84
N GLU B 214 7.51 15.98 -22.54
CA GLU B 214 8.62 16.90 -22.80
C GLU B 214 9.03 17.61 -21.52
N LYS B 215 8.06 17.96 -20.68
CA LYS B 215 8.36 18.45 -19.32
C LYS B 215 9.25 17.46 -18.56
N ILE B 216 8.92 16.17 -18.60
CA ILE B 216 9.78 15.15 -18.00
C ILE B 216 11.17 15.21 -18.59
N TYR B 217 11.24 15.12 -19.92
CA TYR B 217 12.52 15.14 -20.62
C TYR B 217 13.33 16.36 -20.21
N ASN B 218 12.67 17.54 -20.20
CA ASN B 218 13.32 18.79 -19.84
C ASN B 218 13.85 18.74 -18.40
N ALA B 219 13.07 18.20 -17.47
CA ALA B 219 13.45 18.22 -16.05
C ALA B 219 14.56 17.24 -15.71
N LEU B 220 14.81 16.25 -16.59
CA LEU B 220 15.83 15.25 -16.34
C LEU B 220 17.20 15.78 -16.71
N LYS B 221 18.21 15.30 -15.99
CA LYS B 221 19.61 15.46 -16.36
C LYS B 221 19.86 14.89 -17.75
N PRO B 222 21.01 15.16 -18.38
CA PRO B 222 21.22 14.64 -19.73
C PRO B 222 21.25 13.13 -19.78
N ASN B 223 21.64 12.47 -18.69
CA ASN B 223 21.70 11.01 -18.59
C ASN B 223 20.58 10.46 -17.71
N GLY B 224 19.49 11.24 -17.52
CA GLY B 224 18.44 10.85 -16.61
C GLY B 224 17.45 9.85 -17.20
N TYR B 225 16.75 9.16 -16.30
CA TYR B 225 15.77 8.15 -16.66
C TYR B 225 14.40 8.51 -16.11
N CYS B 226 13.37 8.16 -16.86
CA CYS B 226 12.00 8.23 -16.36
C CYS B 226 11.36 6.85 -16.45
N VAL B 227 10.67 6.44 -15.38
CA VAL B 227 9.81 5.26 -15.44
C VAL B 227 8.42 5.67 -15.04
N ALA B 228 7.43 5.10 -15.67
CA ALA B 228 6.04 5.51 -15.48
C ALA B 228 5.14 4.30 -15.49
N GLN B 229 4.17 4.27 -14.59
CA GLN B 229 3.17 3.22 -14.63
C GLN B 229 2.45 3.23 -15.96
N CYS B 230 2.24 2.04 -16.56
CA CYS B 230 1.73 2.05 -17.93
C CYS B 230 0.99 0.78 -18.33
N GLU B 231 -0.23 0.60 -17.83
CA GLU B 231 -1.25 -0.27 -18.40
C GLU B 231 -0.94 -1.75 -18.17
N SER B 232 -1.92 -2.58 -18.39
CA SER B 232 -1.74 -4.03 -18.34
C SER B 232 -1.67 -4.55 -19.77
N LEU B 233 -0.63 -5.34 -20.08
CA LEU B 233 -0.53 -5.91 -21.42
C LEU B 233 -1.72 -6.79 -21.78
N TRP B 234 -2.54 -7.19 -20.80
CA TRP B 234 -3.72 -7.99 -21.09
C TRP B 234 -4.95 -7.17 -21.43
N ILE B 235 -4.90 -5.82 -21.33
CA ILE B 235 -6.08 -4.96 -21.46
C ILE B 235 -5.95 -3.91 -22.56
N HIS B 236 -4.88 -3.12 -22.53
CA HIS B 236 -4.79 -1.93 -23.40
C HIS B 236 -3.45 -1.91 -24.16
N VAL B 237 -3.28 -2.90 -25.05
CA VAL B 237 -2.09 -2.92 -25.89
C VAL B 237 -2.03 -1.65 -26.77
N GLY B 238 -3.19 -1.15 -27.20
CA GLY B 238 -3.19 0.05 -28.02
C GLY B 238 -2.65 1.25 -27.27
N THR B 239 -3.05 1.40 -26.01
CA THR B 239 -2.48 2.47 -25.20
C THR B 239 -0.98 2.30 -25.02
N ILE B 240 -0.51 1.08 -24.73
CA ILE B 240 0.92 0.84 -24.59
C ILE B 240 1.67 1.27 -25.84
N LYS B 241 1.18 0.85 -27.01
CA LYS B 241 1.80 1.26 -28.27
C LYS B 241 1.81 2.78 -28.42
N ASN B 242 0.68 3.44 -28.13
CA ASN B 242 0.62 4.90 -28.22
C ASN B 242 1.64 5.55 -27.29
N MET B 243 1.75 5.02 -26.06
CA MET B 243 2.65 5.63 -25.08
C MET B 243 4.09 5.43 -25.51
N ILE B 244 4.41 4.24 -25.99
CA ILE B 244 5.75 4.00 -26.50
C ILE B 244 6.03 4.92 -27.68
N GLY B 245 5.05 5.02 -28.60
CA GLY B 245 5.23 5.85 -29.77
C GLY B 245 5.56 7.29 -29.43
N TYR B 246 4.78 7.87 -28.51
CA TYR B 246 5.00 9.23 -28.04
C TYR B 246 6.40 9.37 -27.45
N ALA B 247 6.73 8.50 -26.47
CA ALA B 247 7.98 8.65 -25.73
C ALA B 247 9.18 8.54 -26.66
N LYS B 248 9.07 7.70 -27.71
CA LYS B 248 10.20 7.49 -28.62
C LYS B 248 10.48 8.72 -29.47
N LYS B 249 9.51 9.63 -29.57
CA LYS B 249 9.75 10.92 -30.23
C LYS B 249 10.70 11.78 -29.43
N LEU B 250 10.80 11.54 -28.12
CA LEU B 250 11.61 12.34 -27.21
C LEU B 250 12.86 11.64 -26.71
N PHE B 251 12.76 10.35 -26.31
CA PHE B 251 13.84 9.62 -25.67
C PHE B 251 14.49 8.65 -26.64
N LYS B 252 15.81 8.49 -26.52
CA LYS B 252 16.54 7.59 -27.42
C LYS B 252 16.07 6.15 -27.29
N LYS B 253 15.90 5.66 -26.05
CA LYS B 253 15.56 4.26 -25.77
C LYS B 253 14.29 4.25 -24.92
N VAL B 254 13.26 3.57 -25.40
CA VAL B 254 12.01 3.39 -24.66
C VAL B 254 11.76 1.89 -24.59
N GLU B 255 11.60 1.36 -23.37
CA GLU B 255 11.43 -0.07 -23.15
C GLU B 255 10.20 -0.28 -22.26
N TYR B 256 9.74 -1.52 -22.19
CA TYR B 256 8.53 -1.83 -21.44
C TYR B 256 8.74 -3.08 -20.61
N ALA B 257 8.41 -3.01 -19.31
CA ALA B 257 8.56 -4.13 -18.40
C ALA B 257 7.22 -4.44 -17.75
N ASN B 258 7.07 -5.69 -17.27
CA ASN B 258 5.85 -6.17 -16.63
C ASN B 258 6.11 -6.61 -15.19
N ILE B 259 5.14 -6.33 -14.30
CA ILE B 259 5.19 -6.66 -12.88
C ILE B 259 3.99 -7.51 -12.54
N SER B 260 4.22 -8.62 -11.83
CA SER B 260 3.13 -9.45 -11.37
C SER B 260 2.64 -8.89 -10.05
N ILE B 261 1.34 -8.58 -9.97
CA ILE B 261 0.76 -8.03 -8.75
C ILE B 261 -0.74 -8.28 -8.79
N PRO B 262 -1.25 -9.11 -7.89
CA PRO B 262 -2.60 -9.69 -8.09
C PRO B 262 -3.75 -8.70 -7.92
N THR B 263 -3.60 -7.61 -7.16
CA THR B 263 -4.75 -6.76 -6.95
C THR B 263 -4.84 -5.59 -7.92
N TYR B 264 -3.94 -5.52 -8.96
CA TYR B 264 -4.21 -4.64 -10.09
C TYR B 264 -4.92 -5.42 -11.21
N PRO B 265 -5.74 -4.75 -12.01
CA PRO B 265 -6.59 -5.45 -12.98
C PRO B 265 -5.78 -6.38 -13.88
N CYS B 266 -6.27 -7.60 -14.05
CA CYS B 266 -5.57 -8.65 -14.80
C CYS B 266 -4.30 -9.14 -14.10
N GLY B 267 -4.03 -8.68 -12.88
CA GLY B 267 -2.94 -9.24 -12.11
C GLY B 267 -1.57 -8.81 -12.53
N CYS B 268 -1.45 -7.75 -13.34
CA CYS B 268 -0.12 -7.25 -13.67
C CYS B 268 -0.24 -5.79 -14.09
N ILE B 269 0.90 -5.10 -14.09
CA ILE B 269 0.95 -3.71 -14.53
C ILE B 269 2.30 -3.48 -15.20
N GLY B 270 2.33 -2.62 -16.22
CA GLY B 270 3.57 -2.33 -16.90
C GLY B 270 4.32 -1.11 -16.43
N ILE B 271 5.58 -1.05 -16.83
CA ILE B 271 6.46 0.09 -16.60
C ILE B 271 6.95 0.60 -17.93
N LEU B 272 6.63 1.85 -18.24
CA LEU B 272 7.23 2.53 -19.38
C LEU B 272 8.59 3.08 -18.98
N CYS B 273 9.64 2.62 -19.63
CA CYS B 273 11.02 2.89 -19.22
C CYS B 273 11.68 3.77 -20.28
N CYS B 274 12.03 5.00 -19.89
CA CYS B 274 12.48 6.04 -20.82
C CYS B 274 13.92 6.41 -20.50
N SER B 275 14.82 6.27 -21.47
CA SER B 275 16.22 6.60 -21.28
C SER B 275 16.66 7.63 -22.32
N LYS B 276 17.46 8.61 -21.86
CA LYS B 276 18.10 9.54 -22.78
C LYS B 276 19.35 8.94 -23.41
N THR B 277 19.98 7.97 -22.76
CA THR B 277 21.09 7.25 -23.37
C THR B 277 20.54 6.16 -24.29
N ASP B 278 21.44 5.51 -25.02
CA ASP B 278 21.03 4.40 -25.86
C ASP B 278 21.16 3.05 -25.16
N THR B 279 21.73 3.03 -23.95
CA THR B 279 21.97 1.78 -23.24
C THR B 279 20.72 1.21 -22.56
N GLY B 280 19.75 2.04 -22.20
CA GLY B 280 18.48 1.54 -21.73
C GLY B 280 18.44 1.18 -20.25
N LEU B 281 17.35 0.51 -19.87
CA LEU B 281 17.07 0.19 -18.46
C LEU B 281 16.96 -1.30 -18.17
N THR B 282 17.29 -2.19 -19.13
CA THR B 282 17.09 -3.62 -18.89
C THR B 282 18.20 -4.27 -18.09
N LYS B 283 19.34 -3.62 -17.92
CA LYS B 283 20.47 -4.25 -17.24
C LYS B 283 20.92 -3.43 -16.04
N PRO B 284 20.83 -3.96 -14.83
CA PRO B 284 21.31 -3.19 -13.67
C PRO B 284 22.82 -3.02 -13.74
N ASN B 285 23.28 -1.87 -13.26
CA ASN B 285 24.69 -1.52 -13.16
C ASN B 285 25.27 -1.80 -11.79
N LYS B 286 24.44 -2.17 -10.82
CA LYS B 286 24.90 -2.42 -9.48
C LYS B 286 24.00 -3.46 -8.85
N LYS B 287 24.51 -4.12 -7.82
CA LYS B 287 23.75 -5.12 -7.09
C LYS B 287 23.39 -4.53 -5.73
N LEU B 288 22.18 -4.81 -5.25
CA LEU B 288 21.68 -4.20 -4.01
C LEU B 288 22.10 -5.07 -2.82
N GLU B 289 23.36 -4.92 -2.43
CA GLU B 289 23.93 -5.79 -1.41
C GLU B 289 23.99 -5.17 -0.02
N SER B 290 23.87 -3.84 0.12
CA SER B 290 23.97 -3.25 1.44
C SER B 290 22.78 -3.66 2.30
N LYS B 291 22.84 -3.29 3.59
CA LYS B 291 21.88 -3.81 4.53
C LYS B 291 20.50 -3.16 4.41
N GLU B 292 20.41 -1.93 3.89
CA GLU B 292 19.10 -1.33 3.60
C GLU B 292 18.26 -2.17 2.64
N PHE B 293 18.89 -3.03 1.84
CA PHE B 293 18.22 -3.81 0.81
C PHE B 293 17.99 -5.27 1.18
N ALA B 294 18.32 -5.65 2.42
CA ALA B 294 18.21 -7.06 2.81
C ALA B 294 16.76 -7.53 2.88
N ASP B 295 15.83 -6.62 3.14
CA ASP B 295 14.41 -6.89 3.28
C ASP B 295 13.66 -7.05 1.95
N LEU B 296 14.30 -6.89 0.78
CA LEU B 296 13.52 -6.83 -0.46
C LEU B 296 12.71 -8.11 -0.67
N LYS B 297 11.45 -7.96 -1.09
CA LYS B 297 10.57 -9.10 -1.23
C LYS B 297 10.28 -9.52 -2.66
N TYR B 298 10.60 -8.68 -3.65
CA TYR B 298 10.31 -9.04 -5.05
C TYR B 298 11.55 -8.86 -5.91
N TYR B 299 12.04 -7.61 -6.00
CA TYR B 299 13.13 -7.26 -6.90
C TYR B 299 14.40 -8.06 -6.58
N ASN B 300 15.08 -8.54 -7.62
CA ASN B 300 16.47 -8.93 -7.46
C ASN B 300 17.20 -8.74 -8.78
N TYR B 301 18.50 -9.02 -8.76
CA TYR B 301 19.34 -8.74 -9.92
C TYR B 301 18.82 -9.47 -11.16
N GLU B 302 18.41 -10.74 -11.00
CA GLU B 302 17.98 -11.51 -12.17
C GLU B 302 16.58 -11.13 -12.66
N ASN B 303 15.62 -10.88 -11.76
CA ASN B 303 14.31 -10.62 -12.31
C ASN B 303 14.16 -9.18 -12.78
N HIS B 304 15.15 -8.34 -12.52
CA HIS B 304 15.20 -7.03 -13.18
C HIS B 304 15.17 -7.20 -14.71
N SER B 305 16.13 -7.93 -15.26
CA SER B 305 16.14 -8.13 -16.72
C SER B 305 14.97 -8.99 -17.18
N ALA B 306 14.53 -9.93 -16.35
CA ALA B 306 13.44 -10.82 -16.76
C ALA B 306 12.13 -10.07 -16.97
N ALA B 307 11.92 -8.97 -16.24
CA ALA B 307 10.68 -8.22 -16.35
C ALA B 307 10.49 -7.65 -17.75
N PHE B 308 11.55 -7.50 -18.53
CA PHE B 308 11.45 -6.95 -19.88
C PHE B 308 11.22 -8.02 -20.96
N LYS B 309 11.09 -9.28 -20.59
CA LYS B 309 10.86 -10.39 -21.52
C LYS B 309 9.36 -10.62 -21.61
N LEU B 310 8.76 -10.08 -22.62
CA LEU B 310 7.32 -9.96 -22.71
C LEU B 310 6.72 -11.05 -23.59
N PRO B 311 5.43 -11.36 -23.40
CA PRO B 311 4.77 -12.33 -24.27
C PRO B 311 4.91 -11.98 -25.74
N ALA B 312 5.03 -13.03 -26.58
CA ALA B 312 5.25 -12.82 -28.01
C ALA B 312 4.23 -11.87 -28.63
N PHE B 313 2.95 -12.00 -28.27
CA PHE B 313 1.95 -11.17 -28.93
C PHE B 313 2.23 -9.68 -28.72
N LEU B 314 2.75 -9.31 -27.53
CA LEU B 314 3.05 -7.90 -27.25
C LEU B 314 4.32 -7.46 -27.95
N LEU B 315 5.34 -8.31 -27.92
CA LEU B 315 6.57 -8.02 -28.65
C LEU B 315 6.28 -7.76 -30.12
N LYS B 316 5.38 -8.54 -30.72
CA LYS B 316 5.02 -8.30 -32.11
C LYS B 316 4.40 -6.92 -32.28
N GLU B 317 3.50 -6.54 -31.38
CA GLU B 317 2.79 -5.27 -31.51
C GLU B 317 3.70 -4.06 -31.29
N ILE B 318 4.73 -4.16 -30.46
CA ILE B 318 5.51 -2.96 -30.17
C ILE B 318 6.88 -2.93 -30.85
N GLU B 319 7.36 -4.06 -31.39
CA GLU B 319 8.63 -4.04 -32.12
C GLU B 319 8.61 -3.05 -33.27
N ASN B 320 7.50 -3.00 -34.01
CA ASN B 320 7.32 -2.05 -35.11
C ASN B 320 6.60 -0.76 -34.66
N LYS C 41 -27.41 -7.47 -17.78
CA LYS C 41 -26.72 -8.76 -17.92
C LYS C 41 -26.21 -9.28 -16.58
N LYS C 42 -26.03 -10.59 -16.50
CA LYS C 42 -25.51 -11.22 -15.30
C LYS C 42 -23.97 -11.34 -15.32
N TRP C 43 -23.42 -11.61 -14.15
CA TRP C 43 -21.99 -11.76 -13.94
C TRP C 43 -21.71 -13.15 -13.43
N PHE C 44 -20.67 -13.79 -13.97
CA PHE C 44 -20.12 -14.99 -13.34
C PHE C 44 -19.06 -14.59 -12.32
N SER C 45 -19.15 -15.13 -11.10
CA SER C 45 -18.19 -14.84 -10.05
C SER C 45 -17.52 -16.11 -9.57
N GLU C 46 -16.20 -16.08 -9.47
CA GLU C 46 -15.41 -17.25 -9.08
C GLU C 46 -15.02 -17.14 -7.60
N PHE C 47 -15.70 -17.89 -6.74
CA PHE C 47 -15.39 -17.97 -5.32
C PHE C 47 -14.83 -19.35 -5.02
N SER C 48 -13.91 -19.43 -4.07
CA SER C 48 -13.42 -20.74 -3.66
C SER C 48 -12.79 -20.65 -2.29
N ILE C 49 -12.91 -21.74 -1.52
CA ILE C 49 -12.14 -21.85 -0.28
C ILE C 49 -10.66 -21.93 -0.56
N MET C 50 -10.27 -22.21 -1.81
CA MET C 50 -8.85 -22.26 -2.16
C MET C 50 -8.25 -20.86 -2.30
N TRP C 51 -9.07 -19.82 -2.42
CA TRP C 51 -8.59 -18.43 -2.42
C TRP C 51 -9.62 -17.62 -1.65
N PRO C 52 -9.67 -17.79 -0.34
CA PRO C 52 -10.69 -17.11 0.45
C PRO C 52 -10.45 -15.61 0.43
N GLY C 53 -11.53 -14.85 0.37
CA GLY C 53 -11.42 -13.41 0.53
C GLY C 53 -11.23 -12.64 -0.74
N GLN C 54 -11.13 -13.32 -1.89
CA GLN C 54 -10.99 -12.66 -3.19
C GLN C 54 -11.91 -13.34 -4.18
N ALA C 55 -12.25 -12.61 -5.24
CA ALA C 55 -13.05 -13.24 -6.30
C ALA C 55 -12.84 -12.47 -7.57
N PHE C 56 -12.77 -13.20 -8.68
CA PHE C 56 -12.72 -12.62 -10.01
C PHE C 56 -14.06 -12.86 -10.67
N SER C 57 -14.51 -11.89 -11.45
CA SER C 57 -15.85 -11.90 -12.03
C SER C 57 -15.77 -11.54 -13.51
N LEU C 58 -16.62 -12.19 -14.32
CA LEU C 58 -16.68 -11.92 -15.75
C LEU C 58 -18.13 -11.68 -16.14
N LYS C 59 -18.37 -10.63 -16.93
CA LYS C 59 -19.72 -10.36 -17.40
C LYS C 59 -20.15 -11.36 -18.47
N ILE C 60 -21.35 -11.91 -18.31
CA ILE C 60 -21.87 -12.98 -19.18
C ILE C 60 -22.63 -12.38 -20.35
N LYS C 61 -22.21 -12.72 -21.57
CA LYS C 61 -22.99 -12.34 -22.75
C LYS C 61 -24.15 -13.31 -22.99
N LYS C 62 -23.89 -14.62 -22.92
CA LYS C 62 -24.95 -15.62 -22.94
C LYS C 62 -24.42 -16.96 -22.46
N ILE C 63 -25.24 -17.68 -21.70
CA ILE C 63 -24.91 -19.02 -21.26
C ILE C 63 -25.09 -19.97 -22.44
N LEU C 64 -24.08 -20.80 -22.70
CA LEU C 64 -24.15 -21.72 -23.82
C LEU C 64 -24.49 -23.14 -23.42
N TYR C 65 -24.12 -23.58 -22.21
CA TYR C 65 -24.28 -24.99 -21.86
C TYR C 65 -24.09 -25.17 -20.37
N GLU C 66 -24.94 -26.01 -19.79
CA GLU C 66 -24.88 -26.34 -18.37
C GLU C 66 -25.31 -27.79 -18.20
N THR C 67 -24.52 -28.56 -17.43
CA THR C 67 -24.85 -29.96 -17.17
C THR C 67 -24.06 -30.45 -15.98
N LYS C 68 -24.53 -31.54 -15.39
CA LYS C 68 -23.83 -32.23 -14.34
C LYS C 68 -23.30 -33.53 -14.93
N SER C 69 -21.99 -33.66 -15.03
CA SER C 69 -21.37 -34.89 -15.49
C SER C 69 -21.24 -35.87 -14.33
N LYS C 70 -20.62 -37.03 -14.60
CA LYS C 70 -20.41 -37.99 -13.51
C LYS C 70 -19.44 -37.47 -12.46
N TYR C 71 -18.69 -36.41 -12.75
CA TYR C 71 -17.64 -35.99 -11.83
C TYR C 71 -17.78 -34.54 -11.37
N GLN C 72 -18.41 -33.69 -12.18
CA GLN C 72 -18.35 -32.26 -11.87
C GLN C 72 -19.46 -31.51 -12.60
N ASN C 73 -19.77 -30.32 -12.11
CA ASN C 73 -20.70 -29.44 -12.80
C ASN C 73 -19.95 -28.71 -13.90
N VAL C 74 -20.57 -28.63 -15.08
CA VAL C 74 -19.95 -28.07 -16.27
C VAL C 74 -20.76 -26.85 -16.68
N LEU C 75 -20.06 -25.72 -16.88
CA LEU C 75 -20.66 -24.49 -17.34
C LEU C 75 -19.84 -23.95 -18.50
N VAL C 76 -20.51 -23.57 -19.58
CA VAL C 76 -19.89 -22.86 -20.69
C VAL C 76 -20.67 -21.59 -20.91
N PHE C 77 -19.99 -20.45 -20.99
CA PHE C 77 -20.68 -19.24 -21.38
C PHE C 77 -19.77 -18.37 -22.23
N GLU C 78 -20.40 -17.54 -23.06
CA GLU C 78 -19.67 -16.50 -23.76
C GLU C 78 -19.60 -15.29 -22.84
N SER C 79 -18.39 -14.81 -22.58
CA SER C 79 -18.23 -13.60 -21.78
C SER C 79 -18.29 -12.39 -22.72
N THR C 80 -18.43 -11.21 -22.14
CA THR C 80 -18.43 -10.03 -23.01
C THR C 80 -17.03 -9.73 -23.54
N THR C 81 -15.97 -9.97 -22.78
CA THR C 81 -14.67 -9.53 -23.27
C THR C 81 -13.56 -10.59 -23.26
N TYR C 82 -13.79 -11.79 -22.74
CA TYR C 82 -12.78 -12.83 -22.80
C TYR C 82 -13.17 -13.99 -23.74
N GLY C 83 -14.19 -13.83 -24.58
CA GLY C 83 -14.70 -14.93 -25.38
C GLY C 83 -15.44 -15.97 -24.56
N LYS C 84 -15.50 -17.18 -25.11
CA LYS C 84 -16.15 -18.26 -24.40
C LYS C 84 -15.28 -18.72 -23.23
N VAL C 85 -15.93 -19.25 -22.21
CA VAL C 85 -15.32 -19.57 -20.93
C VAL C 85 -15.82 -20.94 -20.49
N LEU C 86 -14.89 -21.80 -20.09
CA LEU C 86 -15.21 -23.11 -19.53
C LEU C 86 -15.04 -23.09 -18.02
N VAL C 87 -16.10 -23.48 -17.29
CA VAL C 87 -16.11 -23.50 -15.84
C VAL C 87 -16.40 -24.92 -15.37
N LEU C 88 -15.54 -25.46 -14.50
CA LEU C 88 -15.76 -26.76 -13.87
C LEU C 88 -15.86 -26.59 -12.36
N ASP C 89 -16.99 -27.03 -11.78
CA ASP C 89 -17.29 -26.87 -10.35
C ASP C 89 -17.09 -25.44 -9.86
N GLY C 90 -17.52 -24.47 -10.66
CA GLY C 90 -17.43 -23.07 -10.26
C GLY C 90 -16.07 -22.42 -10.43
N VAL C 91 -15.09 -23.14 -10.95
CA VAL C 91 -13.72 -22.66 -11.14
C VAL C 91 -13.45 -22.49 -12.63
N ILE C 92 -12.90 -21.34 -13.02
CA ILE C 92 -12.58 -21.10 -14.42
C ILE C 92 -11.47 -22.04 -14.89
N GLN C 93 -11.74 -22.81 -15.95
CA GLN C 93 -10.73 -23.70 -16.52
C GLN C 93 -9.94 -23.03 -17.62
N LEU C 94 -10.62 -22.26 -18.48
CA LEU C 94 -9.94 -21.52 -19.52
C LEU C 94 -10.92 -20.50 -20.07
N THR C 95 -10.37 -19.56 -20.83
CA THR C 95 -11.12 -18.64 -21.66
C THR C 95 -10.39 -18.55 -22.98
N GLU C 96 -11.14 -18.23 -24.03
CA GLU C 96 -10.51 -18.12 -25.35
C GLU C 96 -9.44 -17.04 -25.39
N LYS C 97 -9.61 -15.96 -24.62
CA LYS C 97 -8.76 -14.79 -24.80
C LYS C 97 -7.31 -15.06 -24.38
N ASP C 98 -7.12 -15.85 -23.34
CA ASP C 98 -5.78 -15.98 -22.73
C ASP C 98 -5.28 -17.40 -22.59
N GLU C 99 -6.07 -18.40 -22.98
CA GLU C 99 -5.67 -19.81 -22.79
C GLU C 99 -4.31 -20.11 -23.40
N PHE C 100 -3.91 -19.41 -24.46
CA PHE C 100 -2.62 -19.70 -25.10
C PHE C 100 -1.44 -19.50 -24.13
N ALA C 101 -1.53 -18.57 -23.16
CA ALA C 101 -0.41 -18.36 -22.25
C ALA C 101 -0.10 -19.63 -21.49
N TYR C 102 -1.13 -20.27 -20.98
CA TYR C 102 -0.95 -21.45 -20.15
C TYR C 102 -0.56 -22.65 -21.01
N HIS C 103 -1.35 -22.93 -22.04
CA HIS C 103 -1.05 -24.10 -22.88
C HIS C 103 0.31 -24.00 -23.55
N GLU C 104 0.70 -22.80 -24.00
CA GLU C 104 2.01 -22.68 -24.65
C GLU C 104 3.16 -22.89 -23.65
N MET C 105 3.09 -22.27 -22.46
CA MET C 105 4.20 -22.43 -21.54
C MET C 105 4.28 -23.86 -20.99
N MET C 106 3.13 -24.46 -20.70
CA MET C 106 3.14 -25.79 -20.15
C MET C 106 3.74 -26.76 -21.16
N THR C 107 3.52 -26.53 -22.44
CA THR C 107 3.95 -27.49 -23.47
C THR C 107 5.38 -27.22 -23.95
N HIS C 108 5.68 -25.97 -24.30
CA HIS C 108 6.92 -25.68 -24.99
C HIS C 108 8.11 -25.57 -24.05
N VAL C 109 7.91 -25.39 -22.75
CA VAL C 109 9.04 -25.46 -21.84
C VAL C 109 9.64 -26.88 -21.88
N PRO C 110 8.90 -27.95 -21.57
CA PRO C 110 9.55 -29.27 -21.64
C PRO C 110 9.86 -29.72 -23.08
N MET C 111 9.06 -29.33 -24.08
CA MET C 111 9.27 -29.88 -25.41
C MET C 111 10.41 -29.21 -26.16
N THR C 112 10.91 -28.05 -25.70
CA THR C 112 12.10 -27.47 -26.31
C THR C 112 13.37 -27.88 -25.58
N VAL C 113 13.25 -28.47 -24.40
CA VAL C 113 14.41 -28.96 -23.67
C VAL C 113 14.71 -30.43 -24.03
N SER C 114 13.72 -31.30 -23.99
CA SER C 114 13.84 -32.66 -24.52
C SER C 114 14.30 -32.61 -25.98
N LYS C 115 15.37 -33.35 -26.30
CA LYS C 115 16.04 -33.16 -27.60
C LYS C 115 15.17 -33.64 -28.75
N GLU C 116 14.73 -34.88 -28.71
CA GLU C 116 13.92 -35.48 -29.78
C GLU C 116 12.74 -36.23 -29.15
N PRO C 117 11.84 -35.51 -28.50
CA PRO C 117 10.72 -36.17 -27.83
C PRO C 117 9.85 -36.93 -28.84
N LYS C 118 9.59 -38.20 -28.56
CA LYS C 118 8.78 -39.00 -29.47
C LYS C 118 7.45 -39.45 -28.90
N ASN C 119 7.37 -39.73 -27.59
CA ASN C 119 6.15 -40.22 -26.99
C ASN C 119 5.85 -39.32 -25.79
N VAL C 120 4.66 -38.73 -25.77
CA VAL C 120 4.28 -37.76 -24.74
C VAL C 120 2.96 -38.17 -24.12
N LEU C 121 2.85 -38.04 -22.79
CA LEU C 121 1.59 -38.28 -22.11
C LEU C 121 1.07 -36.95 -21.52
N VAL C 122 -0.23 -36.70 -21.66
CA VAL C 122 -0.93 -35.61 -20.96
C VAL C 122 -1.84 -36.24 -19.93
N VAL C 123 -1.75 -35.80 -18.69
CA VAL C 123 -2.64 -36.24 -17.63
C VAL C 123 -3.66 -35.13 -17.41
N GLY C 124 -4.94 -35.48 -17.47
CA GLY C 124 -5.96 -34.45 -17.40
C GLY C 124 -6.07 -33.72 -18.74
N GLY C 125 -6.32 -32.41 -18.71
CA GLY C 125 -6.26 -31.67 -19.97
C GLY C 125 -7.29 -32.06 -21.01
N GLY C 126 -8.51 -32.41 -20.57
CA GLY C 126 -9.57 -32.80 -21.49
C GLY C 126 -9.92 -31.75 -22.53
N ASP C 127 -9.71 -30.48 -22.22
CA ASP C 127 -10.02 -29.46 -23.23
C ASP C 127 -9.14 -29.57 -24.48
N GLY C 128 -7.97 -30.17 -24.38
CA GLY C 128 -7.16 -30.42 -25.56
C GLY C 128 -6.12 -29.36 -25.89
N GLY C 129 -6.03 -28.29 -25.08
CA GLY C 129 -5.06 -27.25 -25.38
C GLY C 129 -3.61 -27.71 -25.39
N ILE C 130 -3.21 -28.54 -24.43
CA ILE C 130 -1.87 -29.10 -24.46
C ILE C 130 -1.66 -29.95 -25.73
N ILE C 131 -2.61 -30.83 -26.02
CA ILE C 131 -2.57 -31.63 -27.26
C ILE C 131 -2.37 -30.75 -28.47
N ARG C 132 -3.12 -29.63 -28.56
CA ARG C 132 -2.95 -28.73 -29.71
C ARG C 132 -1.50 -28.29 -29.84
N GLU C 133 -0.88 -27.90 -28.73
CA GLU C 133 0.50 -27.44 -28.81
C GLU C 133 1.44 -28.59 -29.15
N LEU C 134 1.20 -29.78 -28.56
CA LEU C 134 2.08 -30.90 -28.83
C LEU C 134 2.06 -31.28 -30.33
N CYS C 135 0.90 -31.16 -30.98
CA CYS C 135 0.79 -31.62 -32.37
C CYS C 135 1.66 -30.80 -33.29
N LYS C 136 2.05 -29.61 -32.87
CA LYS C 136 2.92 -28.75 -33.68
C LYS C 136 4.30 -29.35 -33.87
N TYR C 137 4.67 -30.37 -33.08
CA TYR C 137 5.96 -31.01 -33.17
C TYR C 137 5.83 -32.18 -34.13
N LYS C 138 6.40 -32.04 -35.33
CA LYS C 138 6.33 -33.14 -36.30
C LYS C 138 7.13 -34.37 -35.83
N SER C 139 8.19 -34.15 -35.05
CA SER C 139 8.99 -35.25 -34.51
C SER C 139 8.18 -36.17 -33.59
N VAL C 140 7.09 -35.68 -33.01
CA VAL C 140 6.30 -36.49 -32.09
C VAL C 140 5.62 -37.63 -32.84
N GLU C 141 5.76 -38.86 -32.32
CA GLU C 141 5.14 -40.01 -32.94
C GLU C 141 3.82 -40.41 -32.30
N ASN C 142 3.64 -40.12 -31.01
CA ASN C 142 2.48 -40.62 -30.28
C ASN C 142 2.17 -39.67 -29.14
N ILE C 143 0.88 -39.42 -28.92
CA ILE C 143 0.41 -38.58 -27.82
C ILE C 143 -0.71 -39.35 -27.13
N ASP C 144 -0.49 -39.74 -25.88
CA ASP C 144 -1.54 -40.34 -25.08
C ASP C 144 -2.08 -39.25 -24.18
N ILE C 145 -3.37 -39.29 -23.89
CA ILE C 145 -3.95 -38.40 -22.90
C ILE C 145 -4.89 -39.21 -22.03
N CYS C 146 -4.74 -39.06 -20.73
CA CYS C 146 -5.57 -39.71 -19.74
C CYS C 146 -6.46 -38.66 -19.08
N GLU C 147 -7.76 -38.72 -19.36
CA GLU C 147 -8.72 -37.78 -18.80
C GLU C 147 -9.90 -38.57 -18.26
N ILE C 148 -10.28 -38.32 -17.00
CA ILE C 148 -11.31 -39.17 -16.38
C ILE C 148 -12.71 -38.77 -16.82
N ASP C 149 -12.94 -37.52 -17.19
CA ASP C 149 -14.29 -37.02 -17.46
C ASP C 149 -14.43 -36.83 -18.97
N GLU C 150 -15.08 -37.81 -19.63
CA GLU C 150 -15.31 -37.69 -21.07
C GLU C 150 -16.14 -36.47 -21.44
N THR C 151 -17.01 -36.01 -20.54
CA THR C 151 -17.84 -34.85 -20.80
C THR C 151 -17.01 -33.62 -21.14
N VAL C 152 -15.88 -33.44 -20.45
CA VAL C 152 -15.03 -32.29 -20.70
C VAL C 152 -14.49 -32.33 -22.12
N ILE C 153 -14.08 -33.52 -22.58
CA ILE C 153 -13.65 -33.67 -23.97
C ILE C 153 -14.79 -33.33 -24.92
N GLU C 154 -15.99 -33.85 -24.64
CA GLU C 154 -17.12 -33.62 -25.55
C GLU C 154 -17.46 -32.14 -25.59
N VAL C 155 -17.50 -31.49 -24.43
CA VAL C 155 -17.86 -30.07 -24.38
C VAL C 155 -16.81 -29.23 -25.09
N SER C 156 -15.54 -29.64 -25.04
CA SER C 156 -14.53 -28.84 -25.70
C SER C 156 -14.58 -29.00 -27.21
N LYS C 157 -14.93 -30.20 -27.70
CA LYS C 157 -15.11 -30.39 -29.13
C LYS C 157 -16.27 -29.56 -29.67
N ILE C 158 -17.28 -29.32 -28.84
CA ILE C 158 -18.47 -28.59 -29.29
C ILE C 158 -18.20 -27.09 -29.24
N TYR C 159 -17.70 -26.58 -28.09
CA TYR C 159 -17.68 -25.14 -27.84
C TYR C 159 -16.30 -24.50 -27.94
N PHE C 160 -15.22 -25.28 -28.08
CA PHE C 160 -13.85 -24.72 -28.13
C PHE C 160 -13.00 -25.37 -29.21
N LYS C 161 -13.47 -25.31 -30.47
CA LYS C 161 -12.82 -26.03 -31.56
C LYS C 161 -11.42 -25.52 -31.84
N ASN C 162 -11.15 -24.24 -31.55
CA ASN C 162 -9.79 -23.72 -31.63
C ASN C 162 -8.86 -24.28 -30.56
N ILE C 163 -9.39 -24.94 -29.53
CA ILE C 163 -8.58 -25.54 -28.50
C ILE C 163 -8.51 -27.06 -28.64
N SER C 164 -9.63 -27.67 -29.00
CA SER C 164 -9.74 -29.13 -29.04
C SER C 164 -9.44 -29.71 -30.42
N CYS C 165 -8.88 -28.92 -31.32
CA CYS C 165 -8.69 -29.40 -32.69
C CYS C 165 -7.71 -30.57 -32.77
N GLY C 166 -6.77 -30.65 -31.82
CA GLY C 166 -5.76 -31.70 -31.88
C GLY C 166 -6.30 -33.11 -31.73
N TYR C 167 -7.53 -33.28 -31.23
CA TYR C 167 -8.09 -34.63 -31.16
C TYR C 167 -8.26 -35.26 -32.54
N GLU C 168 -8.19 -34.46 -33.61
CA GLU C 168 -8.24 -35.00 -34.97
C GLU C 168 -6.89 -35.55 -35.44
N ASP C 169 -5.80 -35.25 -34.74
CA ASP C 169 -4.50 -35.73 -35.15
C ASP C 169 -4.42 -37.24 -34.95
N LYS C 170 -3.95 -37.95 -35.98
CA LYS C 170 -3.90 -39.42 -35.93
C LYS C 170 -2.98 -39.94 -34.85
N ARG C 171 -2.05 -39.12 -34.35
CA ARG C 171 -1.12 -39.58 -33.31
C ARG C 171 -1.74 -39.57 -31.92
N VAL C 172 -2.96 -39.06 -31.75
CA VAL C 172 -3.54 -38.83 -30.43
C VAL C 172 -4.39 -40.02 -30.03
N ASN C 173 -4.15 -40.53 -28.83
CA ASN C 173 -4.90 -41.65 -28.28
C ASN C 173 -5.50 -41.27 -26.94
N VAL C 174 -6.81 -41.42 -26.81
CA VAL C 174 -7.55 -40.97 -25.63
C VAL C 174 -7.90 -42.14 -24.74
N PHE C 175 -7.69 -41.97 -23.42
CA PHE C 175 -7.96 -43.01 -22.42
C PHE C 175 -8.85 -42.40 -21.36
N ILE C 176 -10.10 -42.84 -21.30
CA ILE C 176 -11.01 -42.33 -20.28
C ILE C 176 -10.79 -43.14 -19.01
N GLU C 177 -9.88 -42.69 -18.15
CA GLU C 177 -9.34 -43.57 -17.13
C GLU C 177 -8.62 -42.70 -16.11
N ASP C 178 -8.55 -43.18 -14.88
CA ASP C 178 -7.75 -42.52 -13.85
C ASP C 178 -6.26 -42.67 -14.17
N ALA C 179 -5.50 -41.57 -14.07
CA ALA C 179 -4.10 -41.66 -14.48
C ALA C 179 -3.29 -42.61 -13.59
N SER C 180 -3.64 -42.72 -12.31
CA SER C 180 -2.93 -43.67 -11.45
C SER C 180 -3.08 -45.09 -11.97
N LYS C 181 -4.29 -45.46 -12.39
CA LYS C 181 -4.48 -46.78 -12.95
C LYS C 181 -3.83 -46.90 -14.32
N PHE C 182 -3.93 -45.86 -15.15
CA PHE C 182 -3.28 -45.89 -16.46
C PHE C 182 -1.79 -46.16 -16.33
N LEU C 183 -1.13 -45.52 -15.38
CA LEU C 183 0.32 -45.64 -15.31
C LEU C 183 0.79 -46.89 -14.57
N GLU C 184 -0.15 -47.66 -13.99
CA GLU C 184 0.17 -48.72 -13.04
C GLU C 184 1.35 -49.57 -13.50
N ASN C 185 1.25 -50.16 -14.69
CA ASN C 185 2.40 -50.93 -15.16
C ASN C 185 2.99 -50.31 -16.41
N VAL C 186 3.25 -49.01 -16.37
CA VAL C 186 3.91 -48.31 -17.47
C VAL C 186 5.31 -47.93 -17.04
N THR C 187 6.29 -48.29 -17.85
CA THR C 187 7.67 -48.12 -17.45
C THR C 187 8.49 -47.67 -18.64
N ASN C 188 9.38 -46.68 -18.47
CA ASN C 188 10.43 -46.43 -19.45
C ASN C 188 9.85 -46.09 -20.83
N THR C 189 8.79 -45.26 -20.87
CA THR C 189 7.96 -45.13 -22.05
C THR C 189 7.90 -43.72 -22.61
N TYR C 190 7.75 -42.72 -21.75
CA TYR C 190 7.47 -41.34 -22.19
C TYR C 190 8.70 -40.45 -22.14
N ASP C 191 8.85 -39.60 -23.17
CA ASP C 191 9.87 -38.58 -23.14
C ASP C 191 9.45 -37.39 -22.31
N VAL C 192 8.16 -37.03 -22.36
CA VAL C 192 7.62 -35.90 -21.57
C VAL C 192 6.28 -36.35 -21.00
N ILE C 193 6.00 -35.95 -19.77
CA ILE C 193 4.67 -36.11 -19.19
C ILE C 193 4.23 -34.73 -18.71
N ILE C 194 3.04 -34.30 -19.14
CA ILE C 194 2.50 -32.98 -18.79
C ILE C 194 1.25 -33.22 -17.95
N VAL C 195 1.26 -32.72 -16.73
CA VAL C 195 0.14 -32.95 -15.82
C VAL C 195 -0.69 -31.67 -15.82
N ASP C 196 -1.80 -31.69 -16.55
CA ASP C 196 -2.69 -30.52 -16.71
C ASP C 196 -3.96 -30.76 -15.92
N SER C 197 -3.80 -30.69 -14.59
CA SER C 197 -4.81 -31.13 -13.64
C SER C 197 -4.40 -30.60 -12.27
N SER C 198 -5.37 -30.03 -11.56
CA SER C 198 -5.16 -29.39 -10.25
C SER C 198 -5.03 -30.42 -9.11
N ASN C 209 0.99 -36.11 -2.28
CA ASN C 209 0.98 -37.39 -2.98
C ASN C 209 2.37 -37.81 -3.48
N GLN C 210 2.67 -39.10 -3.33
CA GLN C 210 3.93 -39.65 -3.78
C GLN C 210 3.79 -40.94 -4.59
N ASN C 211 2.70 -41.69 -4.42
CA ASN C 211 2.52 -42.84 -5.29
C ASN C 211 2.39 -42.38 -6.75
N PHE C 212 1.68 -41.27 -6.97
CA PHE C 212 1.47 -40.79 -8.33
C PHE C 212 2.77 -40.32 -8.96
N TYR C 213 3.57 -39.57 -8.23
CA TYR C 213 4.81 -39.09 -8.79
C TYR C 213 5.85 -40.18 -8.97
N GLU C 214 5.82 -41.24 -8.14
CA GLU C 214 6.64 -42.40 -8.43
C GLU C 214 6.19 -43.06 -9.72
N LYS C 215 4.88 -43.17 -9.94
CA LYS C 215 4.44 -43.72 -11.22
C LYS C 215 4.87 -42.85 -12.40
N ILE C 216 4.82 -41.54 -12.23
CA ILE C 216 5.29 -40.64 -13.29
C ILE C 216 6.78 -40.86 -13.53
N TYR C 217 7.56 -40.85 -12.44
CA TYR C 217 9.01 -41.02 -12.54
C TYR C 217 9.34 -42.33 -13.28
N ASN C 218 8.68 -43.41 -12.91
CA ASN C 218 8.97 -44.70 -13.53
C ASN C 218 8.47 -44.79 -14.97
N ALA C 219 7.40 -44.06 -15.30
CA ALA C 219 6.89 -44.14 -16.66
C ALA C 219 7.70 -43.31 -17.65
N LEU C 220 8.52 -42.39 -17.16
CA LEU C 220 9.40 -41.60 -18.00
C LEU C 220 10.63 -42.42 -18.42
N LYS C 221 11.19 -42.05 -19.57
CA LYS C 221 12.49 -42.52 -20.04
C LYS C 221 13.61 -42.05 -19.12
N PRO C 222 14.84 -42.58 -19.26
CA PRO C 222 15.90 -42.17 -18.32
C PRO C 222 16.22 -40.67 -18.35
N ASN C 223 15.99 -40.00 -19.47
CA ASN C 223 16.17 -38.55 -19.56
C ASN C 223 14.84 -37.84 -19.76
N GLY C 224 13.75 -38.44 -19.31
CA GLY C 224 12.46 -37.83 -19.47
C GLY C 224 12.24 -36.68 -18.49
N TYR C 225 11.21 -35.89 -18.78
CA TYR C 225 10.86 -34.67 -18.04
C TYR C 225 9.38 -34.69 -17.71
N CYS C 226 9.02 -34.14 -16.55
CA CYS C 226 7.63 -33.97 -16.19
C CYS C 226 7.41 -32.52 -15.78
N VAL C 227 6.38 -31.89 -16.32
CA VAL C 227 5.93 -30.61 -15.79
C VAL C 227 4.49 -30.76 -15.32
N ALA C 228 4.11 -29.97 -14.31
CA ALA C 228 2.79 -30.13 -13.70
C ALA C 228 2.30 -28.75 -13.26
N GLN C 229 1.01 -28.51 -13.45
CA GLN C 229 0.38 -27.27 -12.98
C GLN C 229 0.56 -27.15 -11.47
N CYS C 230 0.94 -25.95 -11.00
CA CYS C 230 1.41 -25.87 -9.60
C CYS C 230 1.14 -24.51 -8.93
N GLU C 231 -0.12 -24.15 -8.72
CA GLU C 231 -0.48 -23.09 -7.74
C GLU C 231 0.04 -21.70 -8.11
N SER C 232 -0.63 -20.69 -7.61
CA SER C 232 -0.16 -19.32 -7.81
C SER C 232 0.78 -18.95 -6.67
N LEU C 233 1.93 -18.35 -7.00
CA LEU C 233 2.88 -17.97 -5.97
C LEU C 233 2.33 -16.85 -5.06
N TRP C 234 1.19 -16.24 -5.38
CA TRP C 234 0.63 -15.21 -4.50
C TRP C 234 -0.30 -15.77 -3.42
N ILE C 235 -0.67 -17.06 -3.45
CA ILE C 235 -1.59 -17.52 -2.41
C ILE C 235 -1.32 -18.88 -1.81
N HIS C 236 -0.55 -19.73 -2.46
CA HIS C 236 -0.43 -21.10 -1.94
C HIS C 236 1.03 -21.53 -1.88
N VAL C 237 1.82 -20.73 -1.17
CA VAL C 237 3.26 -21.04 -1.15
C VAL C 237 3.51 -22.35 -0.42
N GLY C 238 2.70 -22.65 0.61
CA GLY C 238 2.84 -23.92 1.30
C GLY C 238 2.63 -25.09 0.36
N THR C 239 1.65 -24.99 -0.55
CA THR C 239 1.45 -26.06 -1.51
C THR C 239 2.62 -26.17 -2.48
N ILE C 240 3.16 -25.03 -2.92
CA ILE C 240 4.32 -25.04 -3.81
C ILE C 240 5.49 -25.75 -3.12
N LYS C 241 5.71 -25.43 -1.85
CA LYS C 241 6.80 -26.07 -1.11
C LYS C 241 6.58 -27.56 -0.93
N ASN C 242 5.34 -27.97 -0.63
CA ASN C 242 5.10 -29.40 -0.48
C ASN C 242 5.35 -30.14 -1.79
N MET C 243 4.88 -29.58 -2.93
CA MET C 243 5.04 -30.23 -4.22
C MET C 243 6.49 -30.31 -4.64
N ILE C 244 7.23 -29.22 -4.46
CA ILE C 244 8.66 -29.28 -4.76
C ILE C 244 9.32 -30.33 -3.89
N GLY C 245 8.96 -30.36 -2.60
CA GLY C 245 9.54 -31.32 -1.68
C GLY C 245 9.33 -32.75 -2.13
N TYR C 246 8.07 -33.10 -2.44
CA TYR C 246 7.75 -34.47 -2.92
C TYR C 246 8.54 -34.82 -4.16
N ALA C 247 8.63 -33.89 -5.11
CA ALA C 247 9.29 -34.20 -6.37
C ALA C 247 10.79 -34.36 -6.20
N LYS C 248 11.39 -33.62 -5.28
CA LYS C 248 12.83 -33.67 -5.02
C LYS C 248 13.29 -35.00 -4.42
N LYS C 249 12.38 -35.77 -3.83
CA LYS C 249 12.75 -37.13 -3.40
C LYS C 249 12.91 -38.09 -4.55
N LEU C 250 12.37 -37.78 -5.72
CA LEU C 250 12.54 -38.62 -6.91
C LEU C 250 13.46 -38.01 -7.95
N PHE C 251 13.23 -36.75 -8.35
CA PHE C 251 13.97 -36.14 -9.42
C PHE C 251 15.25 -35.46 -8.94
N LYS C 252 16.27 -35.51 -9.80
CA LYS C 252 17.53 -34.83 -9.51
C LYS C 252 17.36 -33.31 -9.50
N LYS C 253 16.54 -32.74 -10.39
CA LYS C 253 16.41 -31.29 -10.50
C LYS C 253 14.93 -30.92 -10.53
N VAL C 254 14.53 -29.98 -9.65
CA VAL C 254 13.13 -29.61 -9.54
C VAL C 254 13.07 -28.08 -9.51
N GLU C 255 12.36 -27.48 -10.46
CA GLU C 255 12.35 -26.02 -10.64
C GLU C 255 10.91 -25.54 -10.72
N TYR C 256 10.71 -24.22 -10.69
CA TYR C 256 9.37 -23.67 -10.69
C TYR C 256 9.36 -22.44 -11.60
N ALA C 257 8.37 -22.36 -12.49
CA ALA C 257 8.25 -21.29 -13.46
C ALA C 257 6.89 -20.64 -13.28
N ASN C 258 6.80 -19.34 -13.59
CA ASN C 258 5.56 -18.59 -13.43
C ASN C 258 5.02 -18.17 -14.79
N ILE C 259 3.71 -18.27 -14.97
CA ILE C 259 3.01 -17.85 -16.20
C ILE C 259 2.06 -16.69 -15.87
N SER C 260 2.11 -15.62 -16.65
CA SER C 260 1.11 -14.56 -16.49
C SER C 260 -0.18 -14.93 -17.25
N ILE C 261 -1.31 -14.96 -16.55
CA ILE C 261 -2.57 -15.28 -17.22
C ILE C 261 -3.74 -14.73 -16.39
N PRO C 262 -4.54 -13.79 -16.92
CA PRO C 262 -5.40 -12.98 -16.04
C PRO C 262 -6.62 -13.70 -15.50
N THR C 263 -7.08 -14.80 -16.10
CA THR C 263 -8.30 -15.42 -15.61
C THR C 263 -8.01 -16.62 -14.69
N TYR C 264 -6.81 -16.80 -14.30
CA TYR C 264 -6.59 -17.66 -13.12
C TYR C 264 -6.44 -16.78 -11.88
N PRO C 265 -6.79 -17.28 -10.70
CA PRO C 265 -6.73 -16.47 -9.47
C PRO C 265 -5.33 -15.89 -9.25
N CYS C 266 -5.30 -14.58 -8.94
CA CYS C 266 -4.08 -13.79 -8.76
C CYS C 266 -3.36 -13.51 -10.06
N GLY C 267 -3.94 -13.91 -11.21
CA GLY C 267 -3.34 -13.49 -12.46
C GLY C 267 -2.11 -14.26 -12.88
N CYS C 268 -1.80 -15.38 -12.23
CA CYS C 268 -0.64 -16.15 -12.61
C CYS C 268 -0.80 -17.56 -12.08
N ILE C 269 -0.06 -18.47 -12.70
CA ILE C 269 -0.05 -19.85 -12.25
C ILE C 269 1.36 -20.41 -12.47
N GLY C 270 1.74 -21.39 -11.65
CA GLY C 270 3.06 -21.95 -11.71
C GLY C 270 3.13 -23.31 -12.42
N ILE C 271 4.33 -23.60 -12.90
CA ILE C 271 4.70 -24.91 -13.46
C ILE C 271 5.74 -25.57 -12.57
N LEU C 272 5.42 -26.75 -12.05
CA LEU C 272 6.40 -27.58 -11.37
C LEU C 272 7.20 -28.34 -12.42
N CYS C 273 8.53 -28.17 -12.44
CA CYS C 273 9.37 -28.66 -13.54
C CYS C 273 10.36 -29.70 -13.01
N CYS C 274 10.25 -30.94 -13.49
CA CYS C 274 10.96 -32.06 -12.90
C CYS C 274 11.85 -32.73 -13.96
N SER C 275 13.15 -32.81 -13.66
CA SER C 275 14.14 -33.37 -14.56
C SER C 275 14.86 -34.52 -13.86
N LYS C 276 15.14 -35.56 -14.66
CA LYS C 276 15.96 -36.65 -14.16
C LYS C 276 17.44 -36.30 -14.26
N THR C 277 17.79 -35.45 -15.23
CA THR C 277 19.16 -35.04 -15.48
C THR C 277 19.55 -33.87 -14.58
N ASP C 278 20.84 -33.56 -14.60
CA ASP C 278 21.39 -32.53 -13.74
C ASP C 278 21.11 -31.13 -14.27
N THR C 279 20.70 -31.00 -15.54
CA THR C 279 20.64 -29.73 -16.23
C THR C 279 19.30 -29.02 -16.12
N GLY C 280 18.23 -29.71 -15.73
CA GLY C 280 16.96 -29.02 -15.56
C GLY C 280 16.29 -28.49 -16.84
N LEU C 281 15.34 -27.57 -16.64
CA LEU C 281 14.41 -27.20 -17.69
C LEU C 281 14.42 -25.71 -18.02
N THR C 282 15.41 -24.96 -17.55
CA THR C 282 15.42 -23.50 -17.71
C THR C 282 16.03 -23.05 -19.03
N LYS C 283 16.71 -23.95 -19.75
CA LYS C 283 17.45 -23.58 -20.96
C LYS C 283 16.98 -24.43 -22.14
N PRO C 284 16.22 -23.88 -23.07
CA PRO C 284 15.80 -24.66 -24.23
C PRO C 284 16.99 -25.11 -25.08
N ASN C 285 16.86 -26.32 -25.64
CA ASN C 285 17.82 -26.88 -26.58
C ASN C 285 17.41 -26.72 -28.03
N LYS C 286 16.29 -26.07 -28.30
CA LYS C 286 15.84 -25.74 -29.65
C LYS C 286 15.06 -24.43 -29.62
N LYS C 287 14.86 -23.83 -30.81
CA LYS C 287 14.01 -22.65 -30.94
C LYS C 287 12.85 -22.97 -31.85
N LEU C 288 11.70 -22.36 -31.55
CA LEU C 288 10.46 -22.62 -32.28
C LEU C 288 10.30 -21.57 -33.37
N GLU C 289 10.92 -21.82 -34.54
CA GLU C 289 11.07 -20.84 -35.62
C GLU C 289 10.41 -21.27 -36.93
N SER C 290 10.06 -22.55 -37.06
CA SER C 290 9.51 -23.09 -38.27
C SER C 290 8.02 -22.74 -38.34
N LYS C 291 7.43 -22.96 -39.51
CA LYS C 291 6.08 -22.52 -39.80
C LYS C 291 5.03 -23.16 -38.89
N GLU C 292 5.28 -24.35 -38.33
CA GLU C 292 4.33 -24.94 -37.39
C GLU C 292 4.15 -24.09 -36.14
N PHE C 293 5.11 -23.23 -35.82
CA PHE C 293 5.03 -22.43 -34.60
C PHE C 293 4.79 -20.95 -34.91
N ALA C 294 4.45 -20.61 -36.14
CA ALA C 294 4.21 -19.20 -36.47
C ALA C 294 3.11 -18.57 -35.64
N ASP C 295 2.17 -19.36 -35.12
CA ASP C 295 1.05 -18.77 -34.44
C ASP C 295 1.29 -18.54 -32.92
N LEU C 296 2.51 -18.77 -32.41
CA LEU C 296 2.69 -18.67 -30.95
C LEU C 296 2.44 -17.23 -30.53
N LYS C 297 1.75 -17.08 -29.39
CA LYS C 297 1.37 -15.74 -28.88
C LYS C 297 1.96 -15.41 -27.53
N TYR C 298 2.61 -16.37 -26.85
CA TYR C 298 3.21 -16.08 -25.56
C TYR C 298 4.66 -16.58 -25.54
N TYR C 299 4.85 -17.91 -25.68
CA TYR C 299 6.16 -18.50 -25.56
C TYR C 299 7.15 -17.97 -26.60
N ASN C 300 8.40 -17.76 -26.19
CA ASN C 300 9.52 -17.67 -27.13
C ASN C 300 10.78 -18.01 -26.36
N TYR C 301 11.92 -18.04 -27.08
CA TYR C 301 13.19 -18.48 -26.48
C TYR C 301 13.54 -17.72 -25.19
N GLU C 302 13.46 -16.39 -25.23
CA GLU C 302 13.84 -15.61 -24.06
C GLU C 302 12.83 -15.74 -22.93
N ASN C 303 11.53 -15.83 -23.26
CA ASN C 303 10.48 -15.95 -22.24
C ASN C 303 10.60 -17.23 -21.47
N HIS C 304 11.13 -18.26 -22.13
CA HIS C 304 11.34 -19.55 -21.49
C HIS C 304 12.19 -19.40 -20.23
N SER C 305 13.40 -18.86 -20.37
CA SER C 305 14.25 -18.71 -19.21
C SER C 305 13.68 -17.68 -18.23
N ALA C 306 13.07 -16.62 -18.75
CA ALA C 306 12.61 -15.56 -17.85
C ALA C 306 11.54 -16.05 -16.89
N ALA C 307 10.74 -17.04 -17.31
CA ALA C 307 9.66 -17.56 -16.47
C ALA C 307 10.16 -18.15 -15.16
N PHE C 308 11.43 -18.54 -15.11
CA PHE C 308 12.00 -19.16 -13.94
C PHE C 308 12.69 -18.15 -13.02
N LYS C 309 12.64 -16.85 -13.33
CA LYS C 309 13.22 -15.82 -12.44
C LYS C 309 12.12 -15.32 -11.53
N LEU C 310 12.09 -15.83 -10.31
CA LEU C 310 10.99 -15.74 -9.38
C LEU C 310 11.20 -14.57 -8.44
N PRO C 311 10.12 -14.08 -7.84
CA PRO C 311 10.23 -13.01 -6.83
C PRO C 311 11.04 -13.44 -5.61
N ALA C 312 11.80 -12.48 -5.10
CA ALA C 312 12.67 -12.71 -3.94
C ALA C 312 11.98 -13.50 -2.81
N PHE C 313 10.74 -13.12 -2.43
CA PHE C 313 10.14 -13.83 -1.29
C PHE C 313 9.92 -15.32 -1.59
N LEU C 314 9.59 -15.67 -2.82
CA LEU C 314 9.34 -17.09 -3.13
C LEU C 314 10.66 -17.86 -3.13
N LEU C 315 11.73 -17.26 -3.66
CA LEU C 315 13.02 -17.94 -3.60
C LEU C 315 13.43 -18.24 -2.16
N LYS C 316 13.15 -17.29 -1.25
CA LYS C 316 13.42 -17.50 0.17
C LYS C 316 12.61 -18.66 0.74
N GLU C 317 11.33 -18.73 0.39
CA GLU C 317 10.52 -19.85 0.85
C GLU C 317 10.99 -21.17 0.25
N ILE C 318 11.44 -21.17 -1.01
CA ILE C 318 11.86 -22.45 -1.62
C ILE C 318 13.14 -22.99 -0.96
N GLU C 319 13.96 -22.09 -0.43
CA GLU C 319 15.16 -22.48 0.30
C GLU C 319 14.85 -23.19 1.62
N ASN C 320 13.61 -23.08 2.12
CA ASN C 320 13.18 -23.72 3.37
C ASN C 320 12.39 -25.00 3.13
N ILE C 321 12.64 -25.66 2.01
CA ILE C 321 11.88 -26.86 1.70
C ILE C 321 12.53 -28.12 2.24
#